data_4FMZ
#
_entry.id   4FMZ
#
_cell.length_a   46.191
_cell.length_b   102.548
_cell.length_c   128.534
_cell.angle_alpha   90.000
_cell.angle_beta   90.000
_cell.angle_gamma   90.000
#
_symmetry.space_group_name_H-M   'P 21 21 21'
#
loop_
_entity.id
_entity.type
_entity.pdbx_description
1 polymer Internalin
2 non-polymer 1,2-ETHANEDIOL
3 water water
#
_entity_poly.entity_id   1
_entity_poly.type   'polypeptide(L)'
_entity_poly.pdbx_seq_one_letter_code
;GAATLATLPAPINQIFPDADLAEGIRAVLQKASVTDVVTQEELESITKLVVAGEKVASIQGIEYLTNLEYLNLNGNQITD
ISPLSNLVKLTNLYIGTNKITDISALQNLTNLRELYLNEDNISDISPLANLTK(MSE)YSLNLGANHNLSDLSPLSN
(MSE)TGLNYLTVTESKVKDVTPIANLTDLYSLSLNYNQIEDISPLASLTSLHYFTAYVNQITDITPVAN(MSE)TRLNS
LKIGNNKITDLSPLANLSQLTWLEIGTNQISDINAVKDLTKLK(MSE)LNVGSNQISDISVLNNLSQLNSLFLNNNQLGN
ED(MSE)EVIGGLTNLTTLFLSQNHITDIRPLASLSK(MSE)DSADFANQVIKK
;
_entity_poly.pdbx_strand_id   A,B
#
loop_
_chem_comp.id
_chem_comp.type
_chem_comp.name
_chem_comp.formula
EDO non-polymer 1,2-ETHANEDIOL 'C2 H6 O2'
#
# COMPACT_ATOMS: atom_id res chain seq x y z
N THR A 4 37.72 10.48 -39.54
CA THR A 4 37.79 9.14 -40.11
C THR A 4 36.39 8.68 -40.65
N LEU A 5 35.31 8.88 -39.85
CA LEU A 5 33.93 8.49 -40.19
CA LEU A 5 33.94 8.48 -40.19
C LEU A 5 33.34 9.41 -41.26
N ALA A 6 33.43 8.98 -42.52
CA ALA A 6 33.01 9.61 -43.80
C ALA A 6 31.74 10.46 -43.74
N THR A 7 30.76 10.07 -42.92
CA THR A 7 29.46 10.76 -42.76
C THR A 7 29.57 12.10 -42.02
N LEU A 8 30.74 12.42 -41.49
CA LEU A 8 31.03 13.61 -40.69
C LEU A 8 32.17 14.45 -41.31
N PRO A 9 32.21 15.80 -41.16
CA PRO A 9 31.28 16.67 -40.41
C PRO A 9 29.96 16.85 -41.14
N ALA A 10 28.88 17.04 -40.38
CA ALA A 10 27.56 17.19 -40.97
C ALA A 10 26.62 17.96 -40.04
N PRO A 11 25.55 18.59 -40.58
CA PRO A 11 24.58 19.27 -39.70
C PRO A 11 23.96 18.31 -38.68
N ILE A 12 23.72 18.81 -37.45
CA ILE A 12 23.09 18.03 -36.37
C ILE A 12 21.79 17.37 -36.89
N ASN A 13 20.93 18.12 -37.61
CA ASN A 13 19.65 17.57 -38.06
C ASN A 13 19.78 16.62 -39.28
N GLN A 14 21.01 16.44 -39.82
CA GLN A 14 21.29 15.45 -40.87
C GLN A 14 21.61 14.11 -40.20
N ILE A 15 22.34 14.16 -39.07
CA ILE A 15 22.80 12.99 -38.34
C ILE A 15 21.69 12.47 -37.42
N PHE A 16 20.97 13.38 -36.76
CA PHE A 16 19.89 13.07 -35.81
C PHE A 16 18.55 13.47 -36.43
N PRO A 17 17.89 12.56 -37.18
CA PRO A 17 16.63 12.94 -37.86
C PRO A 17 15.48 13.29 -36.92
N ASP A 18 15.51 12.83 -35.64
CA ASP A 18 14.50 13.17 -34.65
C ASP A 18 14.73 14.59 -34.14
N ALA A 19 13.70 15.45 -34.24
CA ALA A 19 13.75 16.85 -33.84
C ALA A 19 14.13 17.04 -32.36
N ASP A 20 13.54 16.25 -31.44
CA ASP A 20 13.85 16.40 -30.01
C ASP A 20 15.26 15.93 -29.67
N LEU A 21 15.71 14.82 -30.26
CA LEU A 21 17.08 14.36 -30.05
C LEU A 21 18.08 15.38 -30.66
N ALA A 22 17.80 15.92 -31.86
CA ALA A 22 18.66 16.93 -32.50
C ALA A 22 18.77 18.17 -31.59
N GLU A 23 17.64 18.58 -30.96
CA GLU A 23 17.62 19.70 -30.01
C GLU A 23 18.52 19.42 -28.80
N GLY A 24 18.50 18.19 -28.29
CA GLY A 24 19.34 17.80 -27.16
C GLY A 24 20.83 17.83 -27.47
N ILE A 25 21.20 17.44 -28.70
CA ILE A 25 22.58 17.47 -29.20
C ILE A 25 23.01 18.95 -29.32
N ARG A 26 22.15 19.80 -29.93
CA ARG A 26 22.39 21.24 -30.08
C ARG A 26 22.64 21.87 -28.70
N ALA A 27 21.76 21.56 -27.72
CA ALA A 27 21.83 22.11 -26.36
C ALA A 27 23.08 21.67 -25.62
N VAL A 28 23.46 20.37 -25.68
CA VAL A 28 24.64 19.89 -24.96
C VAL A 28 25.94 20.49 -25.56
N LEU A 29 25.99 20.71 -26.90
CA LEU A 29 27.18 21.27 -27.54
C LEU A 29 27.14 22.81 -27.62
N GLN A 30 26.04 23.42 -27.12
CA GLN A 30 25.77 24.87 -27.10
C GLN A 30 25.93 25.48 -28.50
N LYS A 31 25.31 24.82 -29.49
CA LYS A 31 25.27 25.30 -30.88
C LYS A 31 24.08 26.24 -31.01
N ALA A 32 24.10 27.15 -31.99
CA ALA A 32 23.00 28.10 -32.17
C ALA A 32 21.74 27.43 -32.73
N SER A 33 21.90 26.41 -33.58
CA SER A 33 20.77 25.77 -34.29
C SER A 33 21.03 24.29 -34.57
N VAL A 34 19.95 23.52 -34.81
CA VAL A 34 20.04 22.09 -35.18
C VAL A 34 20.57 21.96 -36.63
N THR A 35 20.62 23.07 -37.38
CA THR A 35 21.17 23.06 -38.75
C THR A 35 22.71 23.22 -38.71
N ASP A 36 23.28 23.53 -37.53
CA ASP A 36 24.72 23.72 -37.37
C ASP A 36 25.51 22.42 -37.54
N VAL A 37 26.67 22.53 -38.19
CA VAL A 37 27.56 21.39 -38.44
C VAL A 37 28.24 20.98 -37.15
N VAL A 38 28.36 19.66 -36.96
CA VAL A 38 29.11 19.08 -35.84
C VAL A 38 30.18 18.18 -36.43
N THR A 39 31.35 18.15 -35.78
CA THR A 39 32.47 17.32 -36.20
C THR A 39 32.44 16.01 -35.41
N GLN A 40 33.26 15.03 -35.84
CA GLN A 40 33.41 13.75 -35.16
C GLN A 40 33.95 14.01 -33.75
N GLU A 41 34.91 14.95 -33.64
CA GLU A 41 35.57 15.35 -32.39
C GLU A 41 34.53 15.88 -31.39
N GLU A 42 33.58 16.73 -31.84
CA GLU A 42 32.54 17.28 -30.97
C GLU A 42 31.57 16.20 -30.50
N LEU A 43 31.20 15.26 -31.39
CA LEU A 43 30.28 14.18 -31.02
C LEU A 43 30.95 13.20 -30.06
N GLU A 44 32.27 12.97 -30.24
CA GLU A 44 33.05 12.10 -29.36
C GLU A 44 33.36 12.78 -28.00
N SER A 45 33.02 14.07 -27.83
CA SER A 45 33.23 14.79 -26.56
C SER A 45 32.04 14.60 -25.58
N ILE A 46 30.90 14.05 -26.08
CA ILE A 46 29.69 13.84 -25.28
CA ILE A 46 29.69 13.85 -25.28
C ILE A 46 29.80 12.54 -24.47
N THR A 47 29.97 12.66 -23.15
CA THR A 47 30.05 11.53 -22.22
C THR A 47 28.72 11.39 -21.47
N LYS A 48 27.90 12.47 -21.47
CA LYS A 48 26.60 12.54 -20.79
C LYS A 48 25.59 13.27 -21.66
N LEU A 49 24.44 12.62 -21.91
CA LEU A 49 23.33 13.22 -22.67
C LEU A 49 22.02 12.95 -21.95
N VAL A 50 21.23 14.01 -21.74
CA VAL A 50 19.93 13.95 -21.07
C VAL A 50 18.87 14.59 -21.96
N VAL A 51 17.96 13.79 -22.51
CA VAL A 51 16.83 14.29 -23.32
C VAL A 51 15.61 13.57 -22.72
N ALA A 52 15.14 14.09 -21.58
CA ALA A 52 14.05 13.47 -20.84
C ALA A 52 12.73 14.27 -20.93
N GLY A 53 11.62 13.53 -20.99
CA GLY A 53 10.27 14.09 -21.03
C GLY A 53 9.94 14.89 -22.27
N GLU A 54 10.42 14.43 -23.46
CA GLU A 54 10.12 15.09 -24.73
C GLU A 54 9.30 14.12 -25.60
N LYS A 55 9.49 14.11 -26.93
CA LYS A 55 8.76 13.21 -27.82
C LYS A 55 9.74 12.48 -28.78
N VAL A 56 10.95 12.15 -28.29
CA VAL A 56 11.95 11.41 -29.08
C VAL A 56 11.32 10.10 -29.58
N ALA A 57 11.22 9.93 -30.92
CA ALA A 57 10.61 8.76 -31.55
C ALA A 57 11.66 7.90 -32.28
N SER A 58 12.86 8.43 -32.50
CA SER A 58 13.98 7.72 -33.13
C SER A 58 15.29 8.19 -32.50
N ILE A 59 16.20 7.25 -32.22
CA ILE A 59 17.49 7.61 -31.64
C ILE A 59 18.59 7.42 -32.70
N GLN A 60 18.20 7.35 -34.00
CA GLN A 60 19.16 7.25 -35.11
C GLN A 60 20.13 8.44 -35.01
N GLY A 61 21.42 8.14 -35.13
CA GLY A 61 22.51 9.10 -35.03
C GLY A 61 23.28 9.01 -33.72
N ILE A 62 22.61 8.50 -32.64
CA ILE A 62 23.24 8.37 -31.32
C ILE A 62 24.46 7.44 -31.36
N GLU A 63 24.53 6.56 -32.38
CA GLU A 63 25.66 5.65 -32.57
C GLU A 63 27.01 6.41 -32.76
N TYR A 64 26.99 7.75 -33.04
CA TYR A 64 28.21 8.58 -33.19
C TYR A 64 28.79 9.07 -31.87
N LEU A 65 27.99 8.96 -30.80
CA LEU A 65 28.42 9.36 -29.46
C LEU A 65 29.16 8.18 -28.83
N THR A 66 30.30 7.79 -29.44
CA THR A 66 31.09 6.63 -29.05
C THR A 66 31.66 6.73 -27.64
N ASN A 67 31.81 7.93 -27.06
CA ASN A 67 32.33 8.05 -25.69
C ASN A 67 31.24 8.23 -24.65
N LEU A 68 29.96 8.07 -25.04
CA LEU A 68 28.82 8.20 -24.14
C LEU A 68 28.85 7.15 -23.06
N GLU A 69 28.76 7.60 -21.80
CA GLU A 69 28.78 6.75 -20.60
C GLU A 69 27.44 6.81 -19.87
N TYR A 70 26.79 7.99 -19.93
CA TYR A 70 25.55 8.25 -19.22
C TYR A 70 24.52 8.79 -20.21
N LEU A 71 23.38 8.10 -20.30
CA LEU A 71 22.33 8.47 -21.22
C LEU A 71 20.98 8.35 -20.56
N ASN A 72 20.25 9.47 -20.50
CA ASN A 72 18.92 9.53 -19.92
C ASN A 72 17.90 9.95 -20.99
N LEU A 73 17.08 8.99 -21.42
CA LEU A 73 16.04 9.22 -22.42
C LEU A 73 14.66 8.85 -21.84
N ASN A 74 14.49 9.13 -20.54
CA ASN A 74 13.24 8.93 -19.79
C ASN A 74 12.09 9.69 -20.41
N GLY A 75 10.90 9.09 -20.41
CA GLY A 75 9.69 9.76 -20.86
C GLY A 75 9.62 10.30 -22.28
N ASN A 76 9.90 9.46 -23.28
CA ASN A 76 9.79 9.85 -24.69
C ASN A 76 8.84 8.85 -25.40
N GLN A 77 9.00 8.64 -26.72
CA GLN A 77 8.18 7.72 -27.50
CA GLN A 77 8.18 7.73 -27.52
C GLN A 77 9.08 6.75 -28.27
N ILE A 78 10.23 6.39 -27.67
CA ILE A 78 11.20 5.49 -28.28
C ILE A 78 10.66 4.06 -28.33
N THR A 79 10.80 3.42 -29.51
CA THR A 79 10.39 2.02 -29.74
C THR A 79 11.64 1.20 -30.09
N ASP A 80 12.45 1.66 -31.04
CA ASP A 80 13.64 0.99 -31.54
C ASP A 80 14.91 1.56 -30.90
N ILE A 81 15.63 0.71 -30.16
CA ILE A 81 16.89 1.13 -29.51
C ILE A 81 18.13 0.52 -30.19
N SER A 82 17.98 -0.04 -31.44
CA SER A 82 19.11 -0.63 -32.18
CA SER A 82 19.11 -0.61 -32.21
C SER A 82 20.30 0.36 -32.33
N PRO A 83 20.14 1.72 -32.49
CA PRO A 83 21.34 2.59 -32.59
C PRO A 83 22.22 2.59 -31.33
N LEU A 84 21.75 2.01 -30.18
CA LEU A 84 22.57 1.94 -28.96
C LEU A 84 23.54 0.76 -28.97
N SER A 85 23.34 -0.22 -29.89
CA SER A 85 24.03 -1.52 -29.92
C SER A 85 25.55 -1.49 -29.80
N ASN A 86 26.24 -0.46 -30.31
CA ASN A 86 27.70 -0.41 -30.22
C ASN A 86 28.21 0.65 -29.21
N LEU A 87 27.32 1.22 -28.39
CA LEU A 87 27.76 2.21 -27.41
C LEU A 87 28.21 1.48 -26.13
N VAL A 88 29.30 0.71 -26.29
CA VAL A 88 29.82 -0.20 -25.27
C VAL A 88 30.44 0.51 -24.05
N LYS A 89 30.65 1.85 -24.09
CA LYS A 89 31.17 2.56 -22.91
C LYS A 89 30.02 2.99 -21.95
N LEU A 90 28.76 2.71 -22.31
CA LEU A 90 27.61 3.04 -21.47
C LEU A 90 27.67 2.29 -20.13
N THR A 91 27.55 3.06 -19.04
CA THR A 91 27.53 2.55 -17.66
C THR A 91 26.15 2.84 -17.05
N ASN A 92 25.53 3.98 -17.42
CA ASN A 92 24.22 4.42 -16.92
C ASN A 92 23.26 4.65 -18.08
N LEU A 93 22.18 3.87 -18.12
CA LEU A 93 21.19 3.98 -19.20
C LEU A 93 19.78 4.02 -18.60
N TYR A 94 19.09 5.16 -18.78
CA TYR A 94 17.73 5.39 -18.25
C TYR A 94 16.78 5.55 -19.42
N ILE A 95 16.04 4.48 -19.75
CA ILE A 95 15.15 4.50 -20.91
C ILE A 95 13.75 4.03 -20.53
N GLY A 96 13.36 4.32 -19.28
CA GLY A 96 12.03 4.03 -18.78
C GLY A 96 11.01 5.00 -19.37
N THR A 97 9.70 4.70 -19.21
CA THR A 97 8.55 5.48 -19.69
C THR A 97 8.67 5.78 -21.22
N ASN A 98 8.94 4.74 -21.99
CA ASN A 98 9.03 4.79 -23.46
C ASN A 98 8.12 3.67 -23.99
N LYS A 99 8.29 3.26 -25.24
CA LYS A 99 7.46 2.20 -25.83
C LYS A 99 8.35 1.04 -26.28
N ILE A 100 9.45 0.79 -25.53
CA ILE A 100 10.42 -0.25 -25.87
C ILE A 100 9.86 -1.65 -25.55
N THR A 101 10.01 -2.57 -26.52
CA THR A 101 9.58 -3.97 -26.36
C THR A 101 10.80 -4.88 -26.53
N ASP A 102 11.57 -4.69 -27.60
CA ASP A 102 12.77 -5.46 -27.92
C ASP A 102 14.02 -4.78 -27.34
N ILE A 103 14.74 -5.48 -26.46
CA ILE A 103 15.97 -4.94 -25.86
C ILE A 103 17.23 -5.68 -26.34
N SER A 104 17.17 -6.32 -27.53
CA SER A 104 18.31 -7.03 -28.16
C SER A 104 19.56 -6.17 -28.22
N ALA A 105 19.39 -4.87 -28.50
CA ALA A 105 20.48 -3.90 -28.64
C ALA A 105 21.31 -3.70 -27.36
N LEU A 106 20.83 -4.16 -26.19
CA LEU A 106 21.59 -3.98 -24.95
C LEU A 106 22.59 -5.12 -24.71
N GLN A 107 22.51 -6.21 -25.50
CA GLN A 107 23.29 -7.43 -25.28
C GLN A 107 24.82 -7.23 -25.19
N ASN A 108 25.43 -6.30 -25.94
CA ASN A 108 26.90 -6.10 -25.87
C ASN A 108 27.30 -4.98 -24.89
N LEU A 109 26.32 -4.36 -24.20
CA LEU A 109 26.63 -3.24 -23.30
C LEU A 109 27.01 -3.77 -21.91
N THR A 110 28.09 -4.58 -21.88
CA THR A 110 28.57 -5.31 -20.69
C THR A 110 29.21 -4.41 -19.62
N ASN A 111 29.36 -3.09 -19.86
CA ASN A 111 29.87 -2.19 -18.82
C ASN A 111 28.70 -1.51 -18.06
N LEU A 112 27.45 -1.82 -18.43
CA LEU A 112 26.27 -1.25 -17.77
C LEU A 112 26.24 -1.61 -16.27
N ARG A 113 26.08 -0.57 -15.43
CA ARG A 113 26.01 -0.66 -13.97
C ARG A 113 24.58 -0.31 -13.52
N GLU A 114 23.98 0.68 -14.17
CA GLU A 114 22.62 1.13 -13.86
C GLU A 114 21.76 1.13 -15.11
N LEU A 115 20.65 0.38 -15.09
CA LEU A 115 19.75 0.27 -16.23
C LEU A 115 18.30 0.33 -15.80
N TYR A 116 17.55 1.38 -16.24
CA TYR A 116 16.12 1.51 -15.92
C TYR A 116 15.31 1.33 -17.18
N LEU A 117 14.40 0.38 -17.14
CA LEU A 117 13.50 0.01 -18.23
C LEU A 117 12.07 0.02 -17.74
N ASN A 118 11.83 0.78 -16.66
CA ASN A 118 10.52 0.88 -16.01
C ASN A 118 9.47 1.49 -16.94
N GLU A 119 8.25 0.94 -16.88
CA GLU A 119 7.09 1.40 -17.66
C GLU A 119 7.33 1.30 -19.19
N ASP A 120 8.07 0.27 -19.63
CA ASP A 120 8.24 -0.05 -21.03
C ASP A 120 7.31 -1.25 -21.30
N ASN A 121 7.47 -1.98 -22.42
CA ASN A 121 6.63 -3.17 -22.63
C ASN A 121 7.53 -4.38 -22.98
N ILE A 122 8.47 -4.67 -22.08
CA ILE A 122 9.43 -5.76 -22.29
C ILE A 122 8.89 -7.07 -21.67
N SER A 123 8.98 -8.16 -22.43
CA SER A 123 8.57 -9.48 -21.99
C SER A 123 9.75 -10.45 -22.06
N ASP A 124 10.75 -10.17 -22.92
CA ASP A 124 11.93 -10.99 -23.09
C ASP A 124 13.18 -10.22 -22.62
N ILE A 125 13.73 -10.60 -21.45
CA ILE A 125 14.91 -9.92 -20.91
C ILE A 125 16.18 -10.77 -21.10
N SER A 126 16.16 -11.79 -21.99
CA SER A 126 17.35 -12.60 -22.28
C SER A 126 18.54 -11.72 -22.77
N PRO A 127 18.37 -10.55 -23.46
CA PRO A 127 19.56 -9.74 -23.80
C PRO A 127 20.31 -9.17 -22.59
N LEU A 128 19.74 -9.27 -21.37
CA LEU A 128 20.40 -8.80 -20.14
C LEU A 128 21.35 -9.84 -19.53
N ALA A 129 21.35 -11.08 -20.05
CA ALA A 129 22.10 -12.23 -19.50
C ALA A 129 23.59 -12.00 -19.24
N ASN A 130 24.29 -11.28 -20.14
CA ASN A 130 25.74 -11.13 -19.94
C ASN A 130 26.11 -9.77 -19.30
N LEU A 131 25.12 -9.04 -18.80
CA LEU A 131 25.36 -7.74 -18.17
C LEU A 131 25.64 -7.97 -16.68
N THR A 132 26.73 -8.71 -16.40
CA THR A 132 27.15 -9.22 -15.09
C THR A 132 27.77 -8.14 -14.19
N LYS A 133 27.96 -6.90 -14.68
CA LYS A 133 28.45 -5.80 -13.86
C LYS A 133 27.26 -5.01 -13.25
N MSE A 134 26.01 -5.36 -13.62
CA MSE A 134 24.79 -4.66 -13.14
C MSE A 134 24.78 -4.50 -11.62
O MSE A 134 24.97 -5.46 -10.88
CB MSE A 134 23.51 -5.39 -13.60
CG MSE A 134 22.27 -4.48 -13.62
SE MSE A 134 22.39 -2.95 -14.84
CE MSE A 134 22.50 -3.94 -16.53
N TYR A 135 24.57 -3.25 -11.18
CA TYR A 135 24.53 -2.85 -9.77
C TYR A 135 23.09 -2.45 -9.39
N SER A 136 22.38 -1.76 -10.28
CA SER A 136 21.00 -1.32 -10.03
C SER A 136 20.16 -1.51 -11.29
N LEU A 137 19.08 -2.29 -11.17
CA LEU A 137 18.21 -2.60 -12.29
C LEU A 137 16.76 -2.31 -11.95
N ASN A 138 16.06 -1.62 -12.87
CA ASN A 138 14.65 -1.30 -12.69
C ASN A 138 13.84 -1.85 -13.87
N LEU A 139 13.05 -2.90 -13.60
CA LEU A 139 12.16 -3.53 -14.58
C LEU A 139 10.67 -3.30 -14.21
N GLY A 140 10.45 -2.32 -13.34
CA GLY A 140 9.13 -1.97 -12.85
C GLY A 140 8.10 -1.66 -13.92
N ALA A 141 6.86 -2.15 -13.73
CA ALA A 141 5.69 -1.92 -14.59
C ALA A 141 5.88 -2.38 -16.07
N ASN A 142 6.60 -3.49 -16.26
CA ASN A 142 6.67 -4.19 -17.54
C ASN A 142 5.64 -5.27 -17.33
N HIS A 143 4.35 -4.93 -17.56
CA HIS A 143 3.18 -5.74 -17.23
C HIS A 143 3.17 -7.17 -17.78
N ASN A 144 3.88 -7.42 -18.89
CA ASN A 144 3.89 -8.74 -19.53
C ASN A 144 5.16 -9.56 -19.25
N LEU A 145 6.04 -9.06 -18.38
CA LEU A 145 7.26 -9.77 -17.98
C LEU A 145 6.91 -10.91 -16.99
N SER A 146 7.52 -12.11 -17.16
CA SER A 146 7.27 -13.23 -16.24
C SER A 146 8.54 -14.07 -15.98
N ASP A 147 9.42 -14.19 -16.97
CA ASP A 147 10.64 -14.98 -16.90
C ASP A 147 11.87 -14.12 -16.49
N LEU A 148 12.31 -14.28 -15.23
CA LEU A 148 13.48 -13.54 -14.73
C LEU A 148 14.79 -14.34 -14.83
N SER A 149 14.80 -15.52 -15.49
CA SER A 149 16.00 -16.36 -15.55
C SER A 149 17.25 -15.62 -16.11
N PRO A 150 17.16 -14.67 -17.09
CA PRO A 150 18.38 -13.99 -17.55
C PRO A 150 19.06 -13.07 -16.52
N LEU A 151 18.44 -12.85 -15.34
CA LEU A 151 19.05 -12.04 -14.27
C LEU A 151 20.07 -12.83 -13.41
N SER A 152 19.99 -14.18 -13.44
CA SER A 152 20.73 -15.12 -12.59
C SER A 152 22.25 -14.87 -12.48
N ASN A 153 22.94 -14.32 -13.50
CA ASN A 153 24.39 -14.09 -13.41
C ASN A 153 24.79 -12.68 -12.88
N MSE A 154 23.81 -11.89 -12.41
CA MSE A 154 24.09 -10.54 -11.90
C MSE A 154 24.41 -10.62 -10.40
O MSE A 154 23.69 -10.06 -9.59
CB MSE A 154 22.92 -9.60 -12.17
CG MSE A 154 22.70 -9.31 -13.63
SE MSE A 154 21.09 -8.26 -13.80
CE MSE A 154 21.12 -8.05 -15.73
N THR A 155 25.50 -11.29 -10.07
CA THR A 155 25.88 -11.56 -8.66
C THR A 155 26.33 -10.31 -7.91
N GLY A 156 26.61 -9.20 -8.61
CA GLY A 156 26.97 -7.93 -7.99
C GLY A 156 25.79 -6.98 -7.83
N LEU A 157 24.58 -7.41 -8.23
CA LEU A 157 23.37 -6.57 -8.16
C LEU A 157 23.00 -6.21 -6.73
N ASN A 158 22.89 -4.89 -6.46
CA ASN A 158 22.56 -4.35 -5.14
C ASN A 158 21.13 -3.82 -5.05
N TYR A 159 20.55 -3.40 -6.19
CA TYR A 159 19.19 -2.84 -6.24
C TYR A 159 18.39 -3.45 -7.36
N LEU A 160 17.19 -3.96 -7.06
CA LEU A 160 16.32 -4.56 -8.06
C LEU A 160 14.84 -4.23 -7.83
N THR A 161 14.16 -3.78 -8.91
CA THR A 161 12.71 -3.51 -8.92
C THR A 161 12.06 -4.29 -10.05
N VAL A 162 11.11 -5.16 -9.72
CA VAL A 162 10.30 -5.91 -10.69
C VAL A 162 8.87 -5.79 -10.16
N THR A 163 8.03 -4.97 -10.78
CA THR A 163 6.66 -4.75 -10.27
C THR A 163 5.60 -4.82 -11.35
N GLU A 164 4.33 -4.99 -10.91
CA GLU A 164 3.11 -4.96 -11.75
C GLU A 164 3.20 -5.89 -12.96
N SER A 165 3.84 -7.04 -12.79
CA SER A 165 4.09 -7.98 -13.89
C SER A 165 3.43 -9.34 -13.68
N LYS A 166 3.72 -10.28 -14.58
CA LYS A 166 3.20 -11.64 -14.54
C LYS A 166 4.22 -12.57 -13.84
N VAL A 167 5.23 -11.99 -13.13
CA VAL A 167 6.27 -12.73 -12.41
C VAL A 167 5.66 -13.53 -11.24
N LYS A 168 5.86 -14.85 -11.30
CA LYS A 168 5.44 -15.84 -10.32
C LYS A 168 6.67 -16.39 -9.60
N ASP A 169 7.60 -16.93 -10.40
CA ASP A 169 8.81 -17.64 -10.00
C ASP A 169 9.97 -16.67 -9.72
N VAL A 170 10.38 -16.57 -8.45
CA VAL A 170 11.46 -15.67 -8.06
C VAL A 170 12.80 -16.45 -7.86
N THR A 171 12.85 -17.73 -8.31
CA THR A 171 14.06 -18.57 -8.18
C THR A 171 15.31 -17.87 -8.78
N PRO A 172 15.28 -17.20 -9.96
CA PRO A 172 16.51 -16.54 -10.45
C PRO A 172 17.06 -15.46 -9.49
N ILE A 173 16.17 -14.80 -8.69
CA ILE A 173 16.57 -13.73 -7.76
C ILE A 173 17.39 -14.32 -6.57
N ALA A 174 17.22 -15.62 -6.28
CA ALA A 174 17.97 -16.28 -5.20
C ALA A 174 19.49 -16.16 -5.39
N ASN A 175 19.96 -16.07 -6.66
CA ASN A 175 21.38 -15.96 -7.00
C ASN A 175 21.98 -14.59 -6.70
N LEU A 176 21.13 -13.60 -6.53
CA LEU A 176 21.57 -12.21 -6.37
C LEU A 176 21.75 -11.88 -4.90
N THR A 177 22.73 -12.54 -4.25
CA THR A 177 22.96 -12.47 -2.80
C THR A 177 23.58 -11.16 -2.33
N ASP A 178 24.01 -10.26 -3.25
CA ASP A 178 24.51 -8.94 -2.85
C ASP A 178 23.35 -7.93 -2.73
N LEU A 179 22.11 -8.36 -3.03
CA LEU A 179 20.95 -7.48 -2.98
C LEU A 179 20.80 -6.84 -1.62
N TYR A 180 20.69 -5.51 -1.64
CA TYR A 180 20.54 -4.68 -0.46
C TYR A 180 19.10 -4.21 -0.33
N SER A 181 18.49 -3.86 -1.47
CA SER A 181 17.11 -3.39 -1.55
C SER A 181 16.41 -4.07 -2.73
N LEU A 182 15.25 -4.69 -2.46
CA LEU A 182 14.50 -5.44 -3.48
C LEU A 182 13.02 -5.10 -3.46
N SER A 183 12.44 -4.80 -4.64
CA SER A 183 11.01 -4.56 -4.78
C SER A 183 10.37 -5.58 -5.69
N LEU A 184 9.34 -6.26 -5.17
CA LEU A 184 8.56 -7.27 -5.91
C LEU A 184 7.07 -6.98 -5.76
N ASN A 185 6.72 -5.70 -5.67
CA ASN A 185 5.33 -5.25 -5.48
C ASN A 185 4.43 -5.62 -6.65
N TYR A 186 3.19 -5.99 -6.34
CA TYR A 186 2.09 -6.24 -7.29
C TYR A 186 2.47 -7.20 -8.44
N ASN A 187 2.91 -8.41 -8.10
CA ASN A 187 3.19 -9.41 -9.12
C ASN A 187 2.19 -10.55 -8.93
N GLN A 188 2.57 -11.81 -9.23
CA GLN A 188 1.71 -12.99 -9.05
C GLN A 188 2.48 -14.03 -8.19
N ILE A 189 3.23 -13.54 -7.18
CA ILE A 189 4.11 -14.38 -6.38
C ILE A 189 3.34 -15.08 -5.24
N GLU A 190 3.43 -16.41 -5.24
CA GLU A 190 2.83 -17.28 -4.22
C GLU A 190 3.88 -17.74 -3.22
N ASP A 191 5.10 -18.02 -3.73
CA ASP A 191 6.21 -18.63 -3.02
C ASP A 191 7.52 -17.81 -3.10
N ILE A 192 8.00 -17.35 -1.92
CA ILE A 192 9.26 -16.60 -1.82
C ILE A 192 10.38 -17.46 -1.17
N SER A 193 10.15 -18.79 -0.99
CA SER A 193 11.14 -19.68 -0.37
C SER A 193 12.56 -19.56 -1.00
N PRO A 194 12.80 -19.36 -2.33
CA PRO A 194 14.20 -19.20 -2.80
C PRO A 194 14.89 -17.93 -2.27
N LEU A 195 14.14 -16.95 -1.77
CA LEU A 195 14.71 -15.69 -1.29
C LEU A 195 15.44 -15.83 0.06
N ALA A 196 15.47 -17.05 0.65
CA ALA A 196 16.18 -17.37 1.88
C ALA A 196 17.71 -17.15 1.72
N SER A 197 18.19 -17.07 0.47
CA SER A 197 19.61 -16.84 0.18
C SER A 197 20.00 -15.34 0.23
N LEU A 198 19.01 -14.43 0.32
CA LEU A 198 19.26 -12.98 0.31
C LEU A 198 19.62 -12.46 1.72
N THR A 199 20.78 -12.91 2.23
CA THR A 199 21.26 -12.63 3.59
C THR A 199 21.74 -11.18 3.77
N SER A 200 21.99 -10.44 2.69
CA SER A 200 22.42 -9.04 2.74
C SER A 200 21.26 -8.06 2.59
N LEU A 201 20.04 -8.56 2.38
CA LEU A 201 18.88 -7.68 2.15
C LEU A 201 18.54 -6.85 3.38
N HIS A 202 18.43 -5.53 3.20
CA HIS A 202 18.08 -4.61 4.29
C HIS A 202 16.69 -3.99 4.06
N TYR A 203 16.24 -3.97 2.80
CA TYR A 203 14.96 -3.35 2.38
C TYR A 203 14.24 -4.30 1.45
N PHE A 204 13.05 -4.70 1.83
CA PHE A 204 12.26 -5.63 1.06
C PHE A 204 10.79 -5.18 1.02
N THR A 205 10.25 -5.06 -0.19
CA THR A 205 8.86 -4.70 -0.40
C THR A 205 8.29 -5.70 -1.40
N ALA A 206 7.11 -6.25 -1.09
CA ALA A 206 6.44 -7.25 -1.91
C ALA A 206 4.95 -7.23 -1.63
N TYR A 207 4.39 -6.02 -1.46
CA TYR A 207 2.96 -5.92 -1.21
C TYR A 207 2.17 -6.31 -2.46
N VAL A 208 0.91 -6.77 -2.26
CA VAL A 208 -0.04 -7.14 -3.32
C VAL A 208 0.51 -8.33 -4.14
N ASN A 209 0.64 -9.47 -3.48
CA ASN A 209 1.03 -10.72 -4.10
C ASN A 209 0.08 -11.79 -3.52
N GLN A 210 0.48 -13.06 -3.56
CA GLN A 210 -0.31 -14.18 -3.03
C GLN A 210 0.57 -14.99 -2.07
N ILE A 211 1.46 -14.30 -1.32
CA ILE A 211 2.41 -14.92 -0.40
C ILE A 211 1.71 -15.43 0.88
N THR A 212 1.89 -16.72 1.17
CA THR A 212 1.29 -17.36 2.36
C THR A 212 2.31 -17.60 3.48
N ASP A 213 3.61 -17.68 3.12
CA ASP A 213 4.67 -18.05 4.05
C ASP A 213 5.87 -17.11 3.94
N ILE A 214 6.29 -16.52 5.08
CA ILE A 214 7.44 -15.63 5.13
C ILE A 214 8.66 -16.26 5.86
N THR A 215 8.71 -17.62 5.93
CA THR A 215 9.86 -18.33 6.53
C THR A 215 11.22 -17.83 5.93
N PRO A 216 11.40 -17.64 4.59
CA PRO A 216 12.71 -17.17 4.09
C PRO A 216 13.20 -15.83 4.66
N VAL A 217 12.28 -14.98 5.14
CA VAL A 217 12.61 -13.65 5.67
C VAL A 217 13.46 -13.78 6.97
N ALA A 218 13.35 -14.91 7.70
CA ALA A 218 14.16 -15.17 8.90
C ALA A 218 15.67 -15.16 8.55
N ASN A 219 16.04 -15.47 7.30
CA ASN A 219 17.44 -15.46 6.83
C ASN A 219 17.98 -14.06 6.60
N MSE A 220 17.07 -13.10 6.35
CA MSE A 220 17.43 -11.69 6.08
C MSE A 220 17.64 -10.99 7.43
O MSE A 220 16.90 -10.08 7.77
CB MSE A 220 16.33 -11.02 5.23
CG MSE A 220 15.96 -11.77 3.96
SE MSE A 220 14.37 -10.97 3.32
CE MSE A 220 14.02 -12.11 1.65
N THR A 221 18.66 -11.44 8.19
CA THR A 221 18.94 -11.03 9.57
C THR A 221 19.21 -9.52 9.72
N ARG A 222 19.65 -8.82 8.66
CA ARG A 222 19.90 -7.39 8.82
C ARG A 222 18.74 -6.54 8.29
N LEU A 223 17.56 -7.16 7.99
CA LEU A 223 16.39 -6.45 7.46
C LEU A 223 16.00 -5.28 8.34
N ASN A 224 15.87 -4.10 7.72
CA ASN A 224 15.54 -2.85 8.36
C ASN A 224 14.08 -2.47 8.09
N SER A 225 13.63 -2.63 6.83
CA SER A 225 12.26 -2.31 6.45
CA SER A 225 12.26 -2.30 6.44
C SER A 225 11.63 -3.43 5.63
N LEU A 226 10.39 -3.79 5.98
CA LEU A 226 9.62 -4.83 5.32
C LEU A 226 8.21 -4.31 5.08
N LYS A 227 7.80 -4.29 3.81
CA LYS A 227 6.47 -3.87 3.35
C LYS A 227 5.90 -5.04 2.56
N ILE A 228 4.91 -5.73 3.14
CA ILE A 228 4.38 -6.94 2.50
C ILE A 228 2.86 -7.06 2.80
N GLY A 229 2.15 -5.92 2.75
CA GLY A 229 0.71 -5.86 2.90
C GLY A 229 0.01 -6.54 1.74
N ASN A 230 -1.29 -6.82 1.87
CA ASN A 230 -2.10 -7.50 0.85
C ASN A 230 -1.45 -8.79 0.34
N ASN A 231 -1.32 -9.74 1.24
CA ASN A 231 -0.82 -11.07 0.94
C ASN A 231 -1.71 -12.04 1.72
N LYS A 232 -1.27 -13.27 1.92
CA LYS A 232 -2.06 -14.28 2.65
C LYS A 232 -1.23 -14.79 3.84
N ILE A 233 -0.50 -13.90 4.52
CA ILE A 233 0.37 -14.27 5.63
C ILE A 233 -0.45 -14.46 6.92
N THR A 234 -0.16 -15.54 7.65
CA THR A 234 -0.80 -15.85 8.93
C THR A 234 0.23 -15.83 10.05
N ASP A 235 1.43 -16.42 9.80
CA ASP A 235 2.47 -16.61 10.80
C ASP A 235 3.61 -15.60 10.69
N LEU A 236 3.82 -14.84 11.77
CA LEU A 236 4.85 -13.82 11.90
C LEU A 236 6.11 -14.31 12.61
N SER A 237 6.13 -15.55 13.14
CA SER A 237 7.28 -16.12 13.86
C SER A 237 8.63 -15.96 13.09
N PRO A 238 8.70 -16.01 11.72
CA PRO A 238 10.00 -15.77 11.05
C PRO A 238 10.61 -14.37 11.26
N LEU A 239 9.82 -13.39 11.76
CA LEU A 239 10.31 -12.02 12.02
C LEU A 239 10.92 -11.86 13.41
N ALA A 240 10.70 -12.84 14.31
CA ALA A 240 11.06 -12.80 15.73
C ALA A 240 12.49 -12.38 16.07
N ASN A 241 13.48 -12.74 15.23
CA ASN A 241 14.88 -12.42 15.53
C ASN A 241 15.46 -11.32 14.64
N LEU A 242 14.62 -10.61 13.88
CA LEU A 242 15.10 -9.54 13.01
C LEU A 242 15.28 -8.28 13.85
N SER A 243 16.37 -8.26 14.65
CA SER A 243 16.74 -7.22 15.61
C SER A 243 16.78 -5.80 15.03
N GLN A 244 17.09 -5.68 13.74
CA GLN A 244 17.23 -4.37 13.11
C GLN A 244 15.95 -3.87 12.45
N LEU A 245 14.82 -4.62 12.54
CA LEU A 245 13.58 -4.18 11.89
C LEU A 245 13.05 -2.87 12.54
N THR A 246 12.87 -1.81 11.72
CA THR A 246 12.46 -0.47 12.16
C THR A 246 11.09 -0.09 11.56
N TRP A 247 10.79 -0.61 10.36
CA TRP A 247 9.58 -0.27 9.62
C TRP A 247 8.93 -1.56 9.16
N LEU A 248 7.73 -1.83 9.64
CA LEU A 248 7.06 -3.08 9.29
C LEU A 248 5.61 -2.82 8.87
N GLU A 249 5.30 -3.10 7.60
CA GLU A 249 3.95 -2.96 7.02
CA GLU A 249 3.94 -2.96 7.07
C GLU A 249 3.49 -4.32 6.59
N ILE A 250 2.46 -4.84 7.23
CA ILE A 250 1.95 -6.16 6.92
C ILE A 250 0.43 -6.16 7.13
N GLY A 251 -0.19 -5.04 6.74
CA GLY A 251 -1.63 -4.88 6.79
C GLY A 251 -2.30 -5.71 5.70
N THR A 252 -3.61 -5.94 5.82
CA THR A 252 -4.42 -6.70 4.84
C THR A 252 -3.83 -8.14 4.63
N ASN A 253 -3.64 -8.85 5.72
CA ASN A 253 -3.16 -10.23 5.70
C ASN A 253 -4.14 -11.08 6.53
N GLN A 254 -3.71 -12.27 7.01
CA GLN A 254 -4.56 -13.16 7.81
CA GLN A 254 -4.56 -13.15 7.82
C GLN A 254 -3.90 -13.44 9.17
N ILE A 255 -3.28 -12.41 9.76
CA ILE A 255 -2.57 -12.51 11.04
C ILE A 255 -3.54 -12.40 12.21
N SER A 256 -3.43 -13.31 13.19
CA SER A 256 -4.26 -13.24 14.40
C SER A 256 -3.39 -13.14 15.64
N ASP A 257 -2.07 -13.33 15.48
CA ASP A 257 -1.11 -13.34 16.57
C ASP A 257 0.12 -12.51 16.20
N ILE A 258 0.48 -11.53 17.05
CA ILE A 258 1.65 -10.68 16.83
C ILE A 258 2.73 -10.86 17.94
N ASN A 259 2.71 -11.98 18.71
CA ASN A 259 3.70 -12.24 19.77
CA ASN A 259 3.71 -12.21 19.77
C ASN A 259 5.14 -12.11 19.24
N ALA A 260 5.36 -12.49 17.97
CA ALA A 260 6.67 -12.45 17.30
C ALA A 260 7.34 -11.06 17.26
N VAL A 261 6.61 -9.96 17.48
CA VAL A 261 7.22 -8.62 17.42
C VAL A 261 7.81 -8.19 18.79
N LYS A 262 7.66 -9.02 19.83
CA LYS A 262 8.08 -8.77 21.22
C LYS A 262 9.49 -8.19 21.37
N ASP A 263 10.48 -8.74 20.65
CA ASP A 263 11.87 -8.29 20.81
C ASP A 263 12.33 -7.34 19.70
N LEU A 264 11.41 -6.87 18.85
CA LEU A 264 11.78 -5.95 17.77
C LEU A 264 11.75 -4.53 18.34
N THR A 265 12.70 -4.25 19.24
CA THR A 265 12.79 -3.00 19.99
C THR A 265 13.24 -1.78 19.17
N LYS A 266 13.59 -1.94 17.89
CA LYS A 266 13.96 -0.80 17.05
C LYS A 266 12.76 -0.34 16.22
N LEU A 267 11.64 -1.12 16.22
CA LEU A 267 10.45 -0.76 15.46
C LEU A 267 9.91 0.63 15.80
N LYS A 268 9.81 1.47 14.76
CA LYS A 268 9.28 2.83 14.82
C LYS A 268 7.91 2.87 14.12
N MSE A 269 7.72 1.99 13.11
CA MSE A 269 6.48 1.92 12.34
C MSE A 269 5.95 0.50 12.36
O MSE A 269 6.64 -0.46 12.00
CB MSE A 269 6.72 2.40 10.88
CG MSE A 269 5.84 1.71 9.81
SE MSE A 269 4.00 2.15 9.89
CE MSE A 269 3.81 3.13 8.18
N LEU A 270 4.69 0.36 12.79
CA LEU A 270 4.06 -0.95 12.77
C LEU A 270 2.68 -0.83 12.14
N ASN A 271 2.50 -1.40 10.96
CA ASN A 271 1.19 -1.39 10.30
C ASN A 271 0.68 -2.82 10.20
N VAL A 272 -0.33 -3.15 11.04
CA VAL A 272 -0.98 -4.45 11.05
C VAL A 272 -2.51 -4.26 10.90
N GLY A 273 -2.91 -3.18 10.23
CA GLY A 273 -4.32 -2.89 9.96
C GLY A 273 -4.93 -3.95 9.06
N SER A 274 -6.24 -4.24 9.22
CA SER A 274 -6.94 -5.23 8.40
C SER A 274 -6.36 -6.66 8.56
N ASN A 275 -6.36 -7.11 9.82
CA ASN A 275 -5.94 -8.45 10.19
C ASN A 275 -7.01 -9.00 11.17
N GLN A 276 -6.65 -10.01 11.98
CA GLN A 276 -7.59 -10.64 12.91
C GLN A 276 -7.00 -10.65 14.33
N ILE A 277 -6.27 -9.58 14.69
CA ILE A 277 -5.58 -9.47 15.98
C ILE A 277 -6.54 -9.12 17.13
N SER A 278 -6.50 -9.88 18.24
CA SER A 278 -7.35 -9.60 19.40
C SER A 278 -6.50 -9.31 20.65
N ASP A 279 -5.18 -9.56 20.60
CA ASP A 279 -4.29 -9.28 21.73
C ASP A 279 -3.04 -8.54 21.29
N ILE A 280 -2.69 -7.47 22.01
CA ILE A 280 -1.53 -6.64 21.69
C ILE A 280 -0.66 -6.37 22.95
N SER A 281 -0.74 -7.25 23.97
CA SER A 281 0.04 -7.08 25.20
C SER A 281 1.56 -7.01 24.94
N VAL A 282 2.07 -7.63 23.86
CA VAL A 282 3.50 -7.57 23.51
C VAL A 282 3.96 -6.14 23.13
N LEU A 283 3.02 -5.22 22.79
CA LEU A 283 3.40 -3.86 22.42
C LEU A 283 3.99 -3.05 23.59
N ASN A 284 3.79 -3.47 24.86
CA ASN A 284 4.36 -2.74 26.00
C ASN A 284 5.90 -2.66 25.92
N ASN A 285 6.53 -3.62 25.21
CA ASN A 285 7.98 -3.68 25.02
CA ASN A 285 7.99 -3.63 25.06
C ASN A 285 8.46 -2.80 23.85
N LEU A 286 7.52 -2.31 23.01
CA LEU A 286 7.90 -1.51 21.83
C LEU A 286 7.64 -0.01 22.04
N SER A 287 8.17 0.52 23.15
CA SER A 287 8.02 1.92 23.58
C SER A 287 8.59 2.96 22.57
N GLN A 288 9.46 2.53 21.64
CA GLN A 288 10.08 3.42 20.64
C GLN A 288 9.15 3.70 19.41
N LEU A 289 8.00 3.00 19.30
CA LEU A 289 7.03 3.17 18.20
C LEU A 289 6.53 4.63 18.04
N ASN A 290 6.47 5.12 16.79
CA ASN A 290 5.94 6.46 16.46
C ASN A 290 4.62 6.35 15.71
N SER A 291 4.45 5.28 14.92
CA SER A 291 3.26 5.07 14.10
C SER A 291 2.77 3.66 14.26
N LEU A 292 1.50 3.54 14.61
CA LEU A 292 0.88 2.25 14.86
C LEU A 292 -0.47 2.18 14.20
N PHE A 293 -0.65 1.21 13.29
CA PHE A 293 -1.92 1.03 12.57
C PHE A 293 -2.54 -0.30 12.99
N LEU A 294 -3.62 -0.21 13.78
CA LEU A 294 -4.34 -1.34 14.34
C LEU A 294 -5.82 -1.36 13.96
N ASN A 295 -6.23 -0.49 13.01
CA ASN A 295 -7.61 -0.40 12.50
C ASN A 295 -8.02 -1.74 11.89
N ASN A 296 -9.34 -2.03 11.89
CA ASN A 296 -9.91 -3.26 11.27
C ASN A 296 -9.27 -4.55 11.82
N ASN A 297 -9.29 -4.66 13.14
CA ASN A 297 -8.81 -5.83 13.86
C ASN A 297 -9.92 -6.22 14.82
N GLN A 298 -9.62 -6.98 15.88
CA GLN A 298 -10.64 -7.44 16.81
C GLN A 298 -10.32 -7.00 18.25
N LEU A 299 -9.84 -5.76 18.39
CA LEU A 299 -9.48 -5.19 19.70
C LEU A 299 -10.69 -4.63 20.45
N GLY A 300 -10.57 -4.58 21.76
CA GLY A 300 -11.61 -4.06 22.65
C GLY A 300 -11.07 -3.10 23.69
N ASN A 301 -11.91 -2.72 24.63
CA ASN A 301 -11.58 -1.76 25.69
C ASN A 301 -10.39 -2.20 26.56
N GLU A 302 -10.26 -3.51 26.85
CA GLU A 302 -9.19 -4.07 27.67
C GLU A 302 -7.81 -3.96 27.00
N ASP A 303 -7.76 -3.63 25.69
CA ASP A 303 -6.50 -3.55 24.97
C ASP A 303 -5.96 -2.14 24.89
N MSE A 304 -6.69 -1.17 25.46
CA MSE A 304 -6.33 0.24 25.32
CA MSE A 304 -6.32 0.23 25.32
C MSE A 304 -5.22 0.68 26.28
O MSE A 304 -4.41 1.54 25.90
CB MSE A 304 -7.56 1.14 25.45
CB MSE A 304 -7.56 1.10 25.47
CG MSE A 304 -8.60 0.92 24.33
CG MSE A 304 -7.66 2.10 24.36
SE MSE A 304 -7.81 1.24 22.56
SE MSE A 304 -8.15 1.53 22.52
CE MSE A 304 -7.50 -0.63 21.96
CE MSE A 304 -7.33 -0.20 22.26
N GLU A 305 -5.18 0.09 27.48
CA GLU A 305 -4.18 0.43 28.51
C GLU A 305 -2.75 0.28 27.99
N VAL A 306 -2.45 -0.78 27.21
CA VAL A 306 -1.11 -1.02 26.66
C VAL A 306 -0.76 0.09 25.62
N ILE A 307 -1.74 0.50 24.78
CA ILE A 307 -1.49 1.55 23.77
C ILE A 307 -1.21 2.90 24.46
N GLY A 308 -1.91 3.17 25.56
CA GLY A 308 -1.70 4.39 26.34
C GLY A 308 -0.29 4.58 26.87
N GLY A 309 0.46 3.48 27.02
CA GLY A 309 1.85 3.49 27.47
C GLY A 309 2.84 3.86 26.39
N LEU A 310 2.46 3.75 25.11
CA LEU A 310 3.31 4.05 23.96
C LEU A 310 3.30 5.57 23.70
N THR A 311 3.96 6.32 24.59
CA THR A 311 3.96 7.78 24.62
C THR A 311 4.74 8.46 23.47
N ASN A 312 5.50 7.71 22.65
CA ASN A 312 6.19 8.34 21.51
C ASN A 312 5.36 8.24 20.23
N LEU A 313 4.12 7.72 20.32
CA LEU A 313 3.22 7.62 19.16
C LEU A 313 2.78 8.99 18.69
N THR A 314 2.90 9.24 17.38
CA THR A 314 2.42 10.49 16.78
C THR A 314 1.26 10.15 15.84
N THR A 315 1.18 8.87 15.39
CA THR A 315 0.10 8.37 14.54
C THR A 315 -0.47 7.09 15.15
N LEU A 316 -1.80 7.04 15.31
CA LEU A 316 -2.48 5.87 15.85
C LEU A 316 -3.80 5.63 15.15
N PHE A 317 -3.90 4.50 14.45
CA PHE A 317 -5.13 4.11 13.79
C PHE A 317 -5.78 2.96 14.55
N LEU A 318 -7.05 3.13 14.92
CA LEU A 318 -7.79 2.13 15.69
C LEU A 318 -9.23 1.96 15.23
N SER A 319 -9.66 2.63 14.15
CA SER A 319 -11.07 2.55 13.74
C SER A 319 -11.49 1.13 13.37
N GLN A 320 -12.78 0.84 13.56
CA GLN A 320 -13.46 -0.43 13.21
C GLN A 320 -12.83 -1.68 13.87
N ASN A 321 -12.71 -1.58 15.19
CA ASN A 321 -12.41 -2.66 16.13
C ASN A 321 -13.71 -2.83 16.93
N HIS A 322 -13.66 -3.04 18.25
CA HIS A 322 -14.87 -3.09 19.13
C HIS A 322 -14.63 -2.16 20.34
N ILE A 323 -14.01 -0.99 20.13
CA ILE A 323 -13.65 -0.09 21.23
C ILE A 323 -14.74 0.93 21.45
N THR A 324 -15.14 1.10 22.74
CA THR A 324 -16.17 2.09 23.12
C THR A 324 -15.61 3.08 24.15
N ASP A 325 -14.44 2.77 24.73
CA ASP A 325 -13.80 3.61 25.75
C ASP A 325 -12.34 3.79 25.40
N ILE A 326 -12.00 5.02 25.01
CA ILE A 326 -10.64 5.38 24.64
C ILE A 326 -9.95 6.20 25.76
N ARG A 327 -10.53 6.26 26.98
CA ARG A 327 -9.94 7.03 28.09
C ARG A 327 -8.47 6.61 28.39
N PRO A 328 -8.05 5.31 28.35
CA PRO A 328 -6.61 5.00 28.58
C PRO A 328 -5.64 5.64 27.54
N LEU A 329 -6.17 6.14 26.40
CA LEU A 329 -5.35 6.75 25.34
C LEU A 329 -5.11 8.25 25.58
N ALA A 330 -5.69 8.82 26.66
CA ALA A 330 -5.56 10.25 26.99
C ALA A 330 -4.08 10.65 27.19
N SER A 331 -3.22 9.69 27.58
CA SER A 331 -1.80 9.91 27.81
C SER A 331 -1.00 10.08 26.51
N LEU A 332 -1.58 9.77 25.34
CA LEU A 332 -0.85 9.89 24.08
C LEU A 332 -0.83 11.38 23.65
N SER A 333 0.18 12.09 24.18
CA SER A 333 0.42 13.53 24.07
C SER A 333 1.14 13.97 22.78
N LYS A 334 1.69 13.05 22.00
CA LYS A 334 2.38 13.44 20.76
C LYS A 334 1.46 13.22 19.50
N MSE A 335 0.17 12.86 19.69
CA MSE A 335 -0.81 12.54 18.64
C MSE A 335 -1.02 13.68 17.58
O MSE A 335 -1.42 14.78 17.95
CB MSE A 335 -2.15 12.16 19.30
CG MSE A 335 -2.91 11.05 18.59
SE MSE A 335 -1.90 9.42 18.13
CE MSE A 335 -0.97 9.10 19.69
N ASP A 336 -0.76 13.36 16.28
CA ASP A 336 -0.86 14.21 15.08
C ASP A 336 -1.94 13.71 14.12
N SER A 337 -2.10 12.36 14.08
CA SER A 337 -2.99 11.68 13.18
C SER A 337 -3.63 10.50 13.90
N ALA A 338 -4.96 10.45 13.96
CA ALA A 338 -5.71 9.37 14.60
C ALA A 338 -7.05 9.21 13.86
N ASP A 339 -7.26 8.03 13.20
CA ASP A 339 -8.43 7.76 12.34
C ASP A 339 -9.79 7.65 13.07
N PHE A 340 -9.89 8.12 14.33
CA PHE A 340 -11.15 8.10 15.07
C PHE A 340 -11.48 9.53 15.52
N ALA A 341 -12.75 9.94 15.28
CA ALA A 341 -13.28 11.29 15.47
C ALA A 341 -13.09 11.90 16.85
N ASN A 342 -13.28 11.12 17.93
CA ASN A 342 -13.18 11.70 19.26
C ASN A 342 -11.74 11.76 19.75
N GLN A 343 -11.56 12.42 20.93
CA GLN A 343 -10.31 12.56 21.69
C GLN A 343 -10.56 13.43 22.91
N GLY B 1 -39.06 -20.46 9.82
CA GLY B 1 -39.28 -19.28 10.63
C GLY B 1 -38.57 -19.37 11.96
N ALA B 2 -38.79 -18.38 12.85
CA ALA B 2 -38.22 -18.42 14.20
C ALA B 2 -38.87 -19.58 14.93
N ALA B 3 -38.07 -20.59 15.36
CA ALA B 3 -38.58 -21.79 16.02
C ALA B 3 -39.65 -21.44 17.09
N THR B 4 -40.71 -22.24 17.15
CA THR B 4 -41.84 -22.01 18.07
C THR B 4 -41.38 -21.90 19.54
N LEU B 5 -42.04 -20.98 20.29
CA LEU B 5 -41.78 -20.84 21.74
C LEU B 5 -42.28 -22.06 22.55
N ALA B 6 -43.16 -22.90 21.96
CA ALA B 6 -43.71 -24.08 22.62
C ALA B 6 -42.62 -25.11 22.96
N THR B 7 -41.48 -25.07 22.26
CA THR B 7 -40.34 -25.97 22.51
C THR B 7 -39.66 -25.61 23.85
N LEU B 8 -39.82 -24.36 24.33
CA LEU B 8 -39.20 -23.94 25.59
C LEU B 8 -40.07 -24.31 26.79
N PRO B 9 -39.50 -24.61 27.99
CA PRO B 9 -38.07 -24.69 28.34
C PRO B 9 -37.41 -25.93 27.76
N ALA B 10 -36.11 -25.81 27.44
CA ALA B 10 -35.38 -26.92 26.87
C ALA B 10 -33.88 -26.81 27.13
N PRO B 11 -33.12 -27.95 27.07
CA PRO B 11 -31.66 -27.87 27.27
C PRO B 11 -30.98 -26.95 26.26
N ILE B 12 -29.96 -26.20 26.70
CA ILE B 12 -29.21 -25.30 25.82
C ILE B 12 -28.76 -26.03 24.53
N ASN B 13 -28.21 -27.25 24.65
CA ASN B 13 -27.69 -27.98 23.50
C ASN B 13 -28.79 -28.59 22.60
N GLN B 14 -30.06 -28.43 22.94
CA GLN B 14 -31.13 -28.87 22.05
C GLN B 14 -31.63 -27.66 21.26
N ILE B 15 -31.64 -26.47 21.89
CA ILE B 15 -32.07 -25.21 21.26
C ILE B 15 -30.97 -24.72 20.31
N PHE B 16 -29.70 -24.82 20.75
CA PHE B 16 -28.54 -24.37 19.99
C PHE B 16 -27.76 -25.62 19.55
N PRO B 17 -28.07 -26.19 18.35
CA PRO B 17 -27.41 -27.43 17.92
C PRO B 17 -25.90 -27.29 17.69
N ASP B 18 -25.40 -26.06 17.50
CA ASP B 18 -23.97 -25.80 17.33
C ASP B 18 -23.30 -25.79 18.70
N ALA B 19 -22.29 -26.65 18.88
CA ALA B 19 -21.57 -26.82 20.15
C ALA B 19 -20.93 -25.51 20.67
N ASP B 20 -20.30 -24.74 19.77
CA ASP B 20 -19.62 -23.51 20.16
C ASP B 20 -20.64 -22.44 20.57
N LEU B 21 -21.76 -22.31 19.83
CA LEU B 21 -22.80 -21.36 20.17
C LEU B 21 -23.46 -21.78 21.51
N ALA B 22 -23.72 -23.09 21.70
CA ALA B 22 -24.29 -23.59 22.96
C ALA B 22 -23.39 -23.23 24.16
N GLU B 23 -22.05 -23.36 23.99
CA GLU B 23 -21.08 -22.98 25.03
C GLU B 23 -21.19 -21.46 25.37
N GLY B 24 -21.33 -20.63 24.35
CA GLY B 24 -21.51 -19.18 24.49
C GLY B 24 -22.74 -18.85 25.32
N ILE B 25 -23.86 -19.55 25.06
CA ILE B 25 -25.15 -19.36 25.78
C ILE B 25 -24.99 -19.79 27.24
N ARG B 26 -24.35 -20.95 27.48
CA ARG B 26 -24.08 -21.47 28.82
C ARG B 26 -23.28 -20.45 29.63
N ALA B 27 -22.20 -19.90 29.02
CA ALA B 27 -21.31 -18.93 29.66
C ALA B 27 -22.04 -17.61 30.01
N VAL B 28 -22.82 -17.06 29.07
CA VAL B 28 -23.50 -15.77 29.31
C VAL B 28 -24.59 -15.92 30.41
N LEU B 29 -25.25 -17.09 30.51
CA LEU B 29 -26.30 -17.32 31.52
C LEU B 29 -25.75 -17.94 32.81
N GLN B 30 -24.43 -18.19 32.83
CA GLN B 30 -23.69 -18.78 33.94
C GLN B 30 -24.31 -20.11 34.40
N LYS B 31 -24.63 -20.96 33.43
CA LYS B 31 -25.16 -22.30 33.68
C LYS B 31 -23.98 -23.25 33.88
N ALA B 32 -24.19 -24.36 34.59
CA ALA B 32 -23.11 -25.31 34.84
C ALA B 32 -22.71 -26.09 33.58
N SER B 33 -23.69 -26.38 32.69
CA SER B 33 -23.46 -27.22 31.52
C SER B 33 -24.36 -26.84 30.34
N VAL B 34 -23.95 -27.23 29.10
CA VAL B 34 -24.75 -27.01 27.88
C VAL B 34 -25.99 -27.94 27.90
N THR B 35 -26.03 -28.90 28.82
CA THR B 35 -27.16 -29.82 28.94
C THR B 35 -28.26 -29.20 29.79
N ASP B 36 -27.93 -28.12 30.54
CA ASP B 36 -28.86 -27.43 31.42
C ASP B 36 -30.03 -26.81 30.68
N VAL B 37 -31.23 -26.91 31.28
CA VAL B 37 -32.46 -26.35 30.74
C VAL B 37 -32.45 -24.84 30.91
N VAL B 38 -32.92 -24.14 29.87
CA VAL B 38 -33.10 -22.69 29.88
C VAL B 38 -34.54 -22.38 29.58
N THR B 39 -35.07 -21.33 30.18
CA THR B 39 -36.44 -20.86 29.97
C THR B 39 -36.47 -19.73 28.95
N GLN B 40 -37.67 -19.37 28.47
CA GLN B 40 -37.86 -18.25 27.55
C GLN B 40 -37.37 -16.94 28.21
N GLU B 41 -37.71 -16.78 29.50
CA GLU B 41 -37.37 -15.62 30.32
CA GLU B 41 -37.36 -15.62 30.34
C GLU B 41 -35.84 -15.44 30.40
N GLU B 42 -35.08 -16.55 30.58
CA GLU B 42 -33.61 -16.50 30.64
C GLU B 42 -33.02 -16.12 29.29
N LEU B 43 -33.57 -16.66 28.18
CA LEU B 43 -33.07 -16.35 26.85
C LEU B 43 -33.37 -14.90 26.48
N GLU B 44 -34.51 -14.37 26.94
CA GLU B 44 -34.91 -12.98 26.70
C GLU B 44 -34.11 -12.01 27.60
N SER B 45 -33.30 -12.52 28.54
CA SER B 45 -32.48 -11.65 29.41
C SER B 45 -31.11 -11.30 28.75
N ILE B 46 -30.73 -12.00 27.65
CA ILE B 46 -29.43 -11.81 26.97
C ILE B 46 -29.46 -10.63 26.03
N THR B 47 -28.68 -9.59 26.37
CA THR B 47 -28.61 -8.36 25.57
C THR B 47 -27.27 -8.28 24.80
N LYS B 48 -26.28 -9.06 25.23
CA LYS B 48 -24.95 -9.06 24.58
C LYS B 48 -24.40 -10.47 24.52
N LEU B 49 -24.00 -10.93 23.34
CA LEU B 49 -23.40 -12.27 23.15
C LEU B 49 -22.19 -12.17 22.26
N VAL B 50 -21.06 -12.75 22.72
CA VAL B 50 -19.79 -12.75 21.98
C VAL B 50 -19.29 -14.18 21.88
N VAL B 51 -19.31 -14.75 20.67
CA VAL B 51 -18.77 -16.09 20.40
C VAL B 51 -17.88 -15.91 19.17
N ALA B 52 -16.67 -15.40 19.40
CA ALA B 52 -15.74 -15.06 18.31
C ALA B 52 -14.54 -15.98 18.21
N GLY B 53 -14.13 -16.25 16.96
CA GLY B 53 -12.96 -17.07 16.67
C GLY B 53 -13.08 -18.53 17.08
N GLU B 54 -14.28 -19.12 16.90
CA GLU B 54 -14.52 -20.53 17.22
C GLU B 54 -14.88 -21.26 15.91
N LYS B 55 -15.81 -22.23 15.95
CA LYS B 55 -16.20 -22.95 14.73
C LYS B 55 -17.71 -22.98 14.59
N VAL B 56 -18.42 -21.86 14.93
CA VAL B 56 -19.88 -21.81 14.84
C VAL B 56 -20.27 -22.01 13.36
N ALA B 57 -21.03 -23.09 13.07
CA ALA B 57 -21.47 -23.46 11.72
C ALA B 57 -22.98 -23.28 11.55
N SER B 58 -23.71 -23.12 12.67
CA SER B 58 -25.14 -22.87 12.66
C SER B 58 -25.52 -21.92 13.78
N ILE B 59 -26.40 -20.94 13.49
CA ILE B 59 -26.83 -20.00 14.52
C ILE B 59 -28.28 -20.32 14.88
N GLN B 60 -28.76 -21.53 14.52
CA GLN B 60 -30.08 -22.03 14.89
C GLN B 60 -30.26 -21.93 16.40
N GLY B 61 -31.36 -21.32 16.80
CA GLY B 61 -31.68 -21.11 18.20
C GLY B 61 -31.53 -19.66 18.63
N ILE B 62 -30.67 -18.88 17.94
CA ILE B 62 -30.42 -17.48 18.27
C ILE B 62 -31.71 -16.60 18.16
N GLU B 63 -32.75 -17.06 17.40
CA GLU B 63 -34.04 -16.37 17.25
C GLU B 63 -34.75 -16.18 18.59
N TYR B 64 -34.35 -16.96 19.60
CA TYR B 64 -34.98 -16.84 20.90
C TYR B 64 -34.42 -15.67 21.72
N LEU B 65 -33.26 -15.10 21.31
CA LEU B 65 -32.62 -13.98 22.02
C LEU B 65 -33.22 -12.66 21.51
N THR B 66 -34.53 -12.49 21.71
CA THR B 66 -35.27 -11.33 21.19
C THR B 66 -34.80 -9.96 21.75
N ASN B 67 -34.14 -9.94 22.91
CA ASN B 67 -33.65 -8.67 23.48
C ASN B 67 -32.16 -8.40 23.19
N LEU B 68 -31.55 -9.22 22.32
CA LEU B 68 -30.15 -9.08 21.93
C LEU B 68 -29.91 -7.76 21.19
N GLU B 69 -28.92 -6.99 21.66
CA GLU B 69 -28.51 -5.70 21.10
C GLU B 69 -27.11 -5.75 20.49
N TYR B 70 -26.22 -6.55 21.08
CA TYR B 70 -24.83 -6.66 20.66
C TYR B 70 -24.49 -8.13 20.40
N LEU B 71 -24.11 -8.44 19.14
CA LEU B 71 -23.78 -9.79 18.77
C LEU B 71 -22.50 -9.83 17.98
N ASN B 72 -21.50 -10.56 18.49
CA ASN B 72 -20.21 -10.71 17.82
C ASN B 72 -19.97 -12.19 17.54
N LEU B 73 -20.06 -12.55 16.23
CA LEU B 73 -19.82 -13.92 15.77
C LEU B 73 -18.69 -13.92 14.72
N ASN B 74 -17.75 -12.97 14.85
CA ASN B 74 -16.60 -12.87 13.94
C ASN B 74 -15.78 -14.14 14.00
N GLY B 75 -15.17 -14.52 12.87
CA GLY B 75 -14.28 -15.68 12.75
C GLY B 75 -14.85 -17.04 13.08
N ASN B 76 -15.95 -17.42 12.44
CA ASN B 76 -16.56 -18.74 12.62
C ASN B 76 -16.77 -19.35 11.21
N GLN B 77 -17.74 -20.26 11.02
CA GLN B 77 -18.02 -20.91 9.73
C GLN B 77 -19.50 -20.75 9.33
N ILE B 78 -20.09 -19.62 9.72
CA ILE B 78 -21.51 -19.33 9.49
C ILE B 78 -21.78 -19.06 8.02
N THR B 79 -22.84 -19.71 7.47
CA THR B 79 -23.29 -19.51 6.10
C THR B 79 -24.70 -18.89 6.08
N ASP B 80 -25.63 -19.45 6.88
CA ASP B 80 -27.02 -19.01 6.94
C ASP B 80 -27.28 -18.14 8.16
N ILE B 81 -27.67 -16.88 7.95
CA ILE B 81 -27.97 -15.96 9.05
C ILE B 81 -29.48 -15.69 9.21
N SER B 82 -30.36 -16.50 8.54
CA SER B 82 -31.83 -16.32 8.62
CA SER B 82 -31.83 -16.35 8.63
C SER B 82 -32.34 -16.31 10.08
N PRO B 83 -31.80 -17.14 11.07
CA PRO B 83 -32.34 -17.07 12.45
C PRO B 83 -32.22 -15.69 13.14
N LEU B 84 -31.41 -14.75 12.59
CA LEU B 84 -31.24 -13.37 13.08
C LEU B 84 -32.36 -12.43 12.68
N SER B 85 -33.14 -12.77 11.63
CA SER B 85 -34.14 -11.93 10.95
C SER B 85 -35.10 -11.13 11.85
N ASN B 86 -35.47 -11.67 13.05
CA ASN B 86 -36.38 -10.87 13.89
CA ASN B 86 -36.39 -11.11 14.03
C ASN B 86 -35.67 -10.34 15.16
N LEU B 87 -34.32 -10.33 15.17
CA LEU B 87 -33.60 -9.68 16.28
C LEU B 87 -33.50 -8.17 16.00
N VAL B 88 -34.67 -7.49 15.98
CA VAL B 88 -34.82 -6.08 15.61
C VAL B 88 -34.21 -5.07 16.62
N LYS B 89 -33.80 -5.53 17.79
CA LYS B 89 -33.17 -4.65 18.78
C LYS B 89 -31.65 -4.60 18.57
N LEU B 90 -31.12 -5.36 17.60
CA LEU B 90 -29.67 -5.36 17.32
C LEU B 90 -29.17 -3.98 16.88
N THR B 91 -28.12 -3.49 17.56
CA THR B 91 -27.46 -2.22 17.27
C THR B 91 -26.03 -2.48 16.77
N ASN B 92 -25.38 -3.53 17.31
CA ASN B 92 -24.02 -3.92 16.93
C ASN B 92 -23.99 -5.36 16.46
N LEU B 93 -23.60 -5.59 15.20
CA LEU B 93 -23.55 -6.93 14.62
C LEU B 93 -22.21 -7.16 13.91
N TYR B 94 -21.41 -8.08 14.43
CA TYR B 94 -20.08 -8.37 13.89
C TYR B 94 -20.06 -9.79 13.38
N ILE B 95 -20.18 -9.97 12.06
CA ILE B 95 -20.24 -11.29 11.47
C ILE B 95 -19.25 -11.44 10.32
N GLY B 96 -18.09 -10.80 10.46
CA GLY B 96 -17.01 -10.87 9.49
C GLY B 96 -16.28 -12.20 9.62
N THR B 97 -15.40 -12.53 8.65
CA THR B 97 -14.58 -13.75 8.57
C THR B 97 -15.45 -15.01 8.80
N ASN B 98 -16.55 -15.09 8.05
CA ASN B 98 -17.47 -16.21 8.01
C ASN B 98 -17.64 -16.62 6.54
N LYS B 99 -18.70 -17.36 6.20
CA LYS B 99 -18.93 -17.79 4.81
C LYS B 99 -20.29 -17.28 4.33
N ILE B 100 -20.70 -16.09 4.82
CA ILE B 100 -21.99 -15.49 4.51
C ILE B 100 -22.04 -14.94 3.08
N THR B 101 -23.12 -15.27 2.34
CA THR B 101 -23.32 -14.77 0.97
C THR B 101 -24.63 -13.95 0.91
N ASP B 102 -25.73 -14.50 1.43
CA ASP B 102 -27.04 -13.88 1.45
C ASP B 102 -27.26 -13.13 2.75
N ILE B 103 -27.49 -11.80 2.66
CA ILE B 103 -27.73 -10.98 3.87
C ILE B 103 -29.18 -10.47 3.94
N SER B 104 -30.13 -11.16 3.28
CA SER B 104 -31.57 -10.85 3.32
C SER B 104 -32.09 -10.70 4.75
N ALA B 105 -31.59 -11.52 5.68
CA ALA B 105 -31.99 -11.55 7.10
C ALA B 105 -31.69 -10.23 7.84
N LEU B 106 -30.87 -9.32 7.27
CA LEU B 106 -30.57 -8.06 7.94
C LEU B 106 -31.57 -6.95 7.61
N GLN B 107 -32.47 -7.18 6.64
CA GLN B 107 -33.38 -6.16 6.12
C GLN B 107 -34.26 -5.46 7.16
N ASN B 108 -34.73 -6.16 8.22
CA ASN B 108 -35.60 -5.48 9.21
C ASN B 108 -34.80 -4.95 10.41
N LEU B 109 -33.46 -5.11 10.40
CA LEU B 109 -32.66 -4.71 11.55
C LEU B 109 -32.28 -3.21 11.45
N THR B 110 -33.30 -2.35 11.39
CA THR B 110 -33.19 -0.90 11.18
C THR B 110 -32.61 -0.11 12.38
N ASN B 111 -32.32 -0.77 13.50
CA ASN B 111 -31.66 -0.09 14.62
C ASN B 111 -30.14 -0.33 14.59
N LEU B 112 -29.65 -1.06 13.57
CA LEU B 112 -28.21 -1.32 13.43
C LEU B 112 -27.40 -0.02 13.28
N ARG B 113 -26.34 0.11 14.10
CA ARG B 113 -25.41 1.26 14.09
C ARG B 113 -24.04 0.80 13.58
N GLU B 114 -23.62 -0.39 14.01
CA GLU B 114 -22.33 -0.94 13.60
C GLU B 114 -22.54 -2.33 13.01
N LEU B 115 -22.05 -2.53 11.78
CA LEU B 115 -22.19 -3.80 11.07
C LEU B 115 -20.91 -4.16 10.32
N TYR B 116 -20.25 -5.28 10.70
CA TYR B 116 -19.03 -5.75 10.01
C TYR B 116 -19.33 -7.04 9.29
N LEU B 117 -19.10 -7.04 8.00
CA LEU B 117 -19.31 -8.14 7.08
C LEU B 117 -18.04 -8.41 6.29
N ASN B 118 -16.89 -8.00 6.85
CA ASN B 118 -15.58 -8.14 6.22
C ASN B 118 -15.18 -9.59 6.04
N GLU B 119 -14.58 -9.89 4.88
CA GLU B 119 -14.08 -11.23 4.53
C GLU B 119 -15.21 -12.28 4.47
N ASP B 120 -16.40 -11.86 4.02
CA ASP B 120 -17.52 -12.76 3.76
C ASP B 120 -17.57 -12.92 2.23
N ASN B 121 -18.66 -13.43 1.65
CA ASN B 121 -18.75 -13.49 0.18
C ASN B 121 -20.07 -12.85 -0.29
N ILE B 122 -20.28 -11.59 0.08
CA ILE B 122 -21.52 -10.87 -0.25
C ILE B 122 -21.35 -10.10 -1.56
N SER B 123 -22.34 -10.21 -2.45
CA SER B 123 -22.35 -9.51 -3.73
C SER B 123 -23.60 -8.63 -3.87
N ASP B 124 -24.67 -8.94 -3.12
CA ASP B 124 -25.90 -8.17 -3.13
C ASP B 124 -26.13 -7.54 -1.76
N ILE B 125 -25.93 -6.22 -1.64
CA ILE B 125 -26.11 -5.52 -0.37
C ILE B 125 -27.43 -4.73 -0.33
N SER B 126 -28.38 -5.03 -1.25
CA SER B 126 -29.69 -4.36 -1.24
C SER B 126 -30.43 -4.54 0.13
N PRO B 127 -30.26 -5.66 0.92
CA PRO B 127 -30.92 -5.72 2.24
C PRO B 127 -30.45 -4.63 3.22
N LEU B 128 -29.34 -3.90 2.91
CA LEU B 128 -28.82 -2.83 3.77
C LEU B 128 -29.50 -1.47 3.53
N ALA B 129 -30.29 -1.36 2.46
CA ALA B 129 -30.89 -0.09 2.01
C ALA B 129 -31.66 0.71 3.08
N ASN B 130 -32.39 0.05 3.98
CA ASN B 130 -33.18 0.80 4.95
C ASN B 130 -32.50 0.90 6.32
N LEU B 131 -31.21 0.55 6.38
CA LEU B 131 -30.46 0.61 7.64
C LEU B 131 -29.83 1.99 7.77
N THR B 132 -30.70 3.01 7.84
CA THR B 132 -30.40 4.44 7.82
C THR B 132 -29.79 4.99 9.12
N LYS B 133 -29.69 4.18 10.17
CA LYS B 133 -29.05 4.62 11.41
C LYS B 133 -27.55 4.21 11.42
N MSE B 134 -27.09 3.49 10.38
CA MSE B 134 -25.70 2.99 10.27
C MSE B 134 -24.67 4.08 10.55
O MSE B 134 -24.74 5.17 9.97
CB MSE B 134 -25.41 2.34 8.92
CG MSE B 134 -24.20 1.37 8.93
SE MSE B 134 -24.42 -0.16 10.09
CE MSE B 134 -25.96 -1.03 9.22
N TYR B 135 -23.69 3.76 11.40
CA TYR B 135 -22.65 4.69 11.84
C TYR B 135 -21.29 4.18 11.39
N SER B 136 -21.07 2.89 11.48
CA SER B 136 -19.81 2.26 11.06
C SER B 136 -20.12 0.97 10.30
N LEU B 137 -19.63 0.90 9.06
CA LEU B 137 -19.88 -0.25 8.20
C LEU B 137 -18.58 -0.79 7.62
N ASN B 138 -18.40 -2.10 7.71
CA ASN B 138 -17.21 -2.74 7.16
C ASN B 138 -17.61 -3.81 6.14
N LEU B 139 -17.37 -3.52 4.85
CA LEU B 139 -17.66 -4.45 3.73
C LEU B 139 -16.34 -4.93 3.08
N GLY B 140 -15.25 -4.76 3.80
CA GLY B 140 -13.91 -5.12 3.35
C GLY B 140 -13.75 -6.57 2.92
N ALA B 141 -13.01 -6.77 1.81
CA ALA B 141 -12.67 -8.08 1.24
C ALA B 141 -13.89 -8.97 0.88
N ASN B 142 -14.96 -8.35 0.39
CA ASN B 142 -16.09 -9.03 -0.24
C ASN B 142 -15.73 -8.89 -1.71
N HIS B 143 -14.86 -9.79 -2.19
CA HIS B 143 -14.23 -9.74 -3.52
C HIS B 143 -15.17 -9.61 -4.70
N ASN B 144 -16.44 -10.05 -4.56
CA ASN B 144 -17.39 -10.02 -5.67
C ASN B 144 -18.43 -8.90 -5.56
N LEU B 145 -18.28 -8.00 -4.58
CA LEU B 145 -19.15 -6.84 -4.43
C LEU B 145 -18.81 -5.75 -5.46
N SER B 146 -19.83 -5.11 -6.07
CA SER B 146 -19.57 -4.05 -7.06
C SER B 146 -20.59 -2.90 -6.97
N ASP B 147 -21.85 -3.21 -6.61
CA ASP B 147 -22.94 -2.24 -6.54
C ASP B 147 -23.14 -1.69 -5.13
N LEU B 148 -22.73 -0.42 -4.89
CA LEU B 148 -22.87 0.21 -3.57
C LEU B 148 -24.10 1.10 -3.47
N SER B 149 -25.02 1.05 -4.47
CA SER B 149 -26.22 1.92 -4.44
C SER B 149 -27.08 1.73 -3.16
N PRO B 150 -27.15 0.53 -2.51
CA PRO B 150 -27.96 0.42 -1.28
C PRO B 150 -27.39 1.17 -0.07
N LEU B 151 -26.18 1.74 -0.18
CA LEU B 151 -25.60 2.52 0.92
C LEU B 151 -26.07 3.98 0.96
N SER B 152 -26.61 4.48 -0.18
CA SER B 152 -27.02 5.88 -0.42
CA SER B 152 -27.00 5.89 -0.41
C SER B 152 -27.82 6.56 0.71
N ASN B 153 -28.67 5.82 1.45
CA ASN B 153 -29.50 6.48 2.49
C ASN B 153 -28.85 6.51 3.89
N MSE B 154 -27.58 6.08 4.01
CA MSE B 154 -26.89 6.07 5.31
C MSE B 154 -26.21 7.41 5.57
O MSE B 154 -24.99 7.48 5.68
CB MSE B 154 -25.88 4.93 5.35
CG MSE B 154 -26.49 3.55 5.30
SE MSE B 154 -25.10 2.21 5.18
CE MSE B 154 -26.24 0.64 5.19
N THR B 155 -27.02 8.48 5.70
CA THR B 155 -26.51 9.85 5.83
C THR B 155 -25.82 10.14 7.18
N GLY B 156 -25.97 9.26 8.16
CA GLY B 156 -25.29 9.38 9.43
C GLY B 156 -24.01 8.55 9.53
N LEU B 157 -23.61 7.87 8.42
CA LEU B 157 -22.42 6.99 8.41
C LEU B 157 -21.14 7.79 8.64
N ASN B 158 -20.34 7.37 9.64
CA ASN B 158 -19.07 8.01 10.02
C ASN B 158 -17.83 7.22 9.59
N TYR B 159 -17.97 5.90 9.46
CA TYR B 159 -16.86 5.02 9.10
C TYR B 159 -17.30 4.03 8.05
N LEU B 160 -16.53 3.93 6.96
CA LEU B 160 -16.82 3.00 5.87
C LEU B 160 -15.56 2.37 5.28
N THR B 161 -15.58 1.03 5.15
CA THR B 161 -14.52 0.25 4.51
C THR B 161 -15.14 -0.63 3.42
N VAL B 162 -14.69 -0.44 2.18
CA VAL B 162 -15.08 -1.27 1.02
C VAL B 162 -13.78 -1.55 0.30
N THR B 163 -13.24 -2.77 0.44
CA THR B 163 -11.93 -3.08 -0.16
C THR B 163 -11.91 -4.39 -0.92
N GLU B 164 -10.88 -4.55 -1.79
CA GLU B 164 -10.54 -5.77 -2.54
C GLU B 164 -11.73 -6.31 -3.32
N SER B 165 -12.55 -5.40 -3.87
CA SER B 165 -13.78 -5.73 -4.56
C SER B 165 -13.79 -5.27 -6.01
N LYS B 166 -14.94 -5.43 -6.68
CA LYS B 166 -15.11 -5.03 -8.08
C LYS B 166 -15.79 -3.66 -8.17
N VAL B 167 -15.88 -2.93 -7.03
CA VAL B 167 -16.48 -1.59 -6.97
C VAL B 167 -15.71 -0.65 -7.91
N LYS B 168 -16.45 0.10 -8.75
CA LYS B 168 -15.92 1.08 -9.69
C LYS B 168 -16.60 2.42 -9.46
N ASP B 169 -17.95 2.41 -9.40
CA ASP B 169 -18.76 3.62 -9.26
C ASP B 169 -18.94 3.96 -7.77
N VAL B 170 -18.38 5.10 -7.34
CA VAL B 170 -18.46 5.51 -5.94
C VAL B 170 -19.53 6.61 -5.75
N THR B 171 -20.40 6.86 -6.77
CA THR B 171 -21.49 7.86 -6.69
C THR B 171 -22.36 7.64 -5.42
N PRO B 172 -22.77 6.41 -5.01
CA PRO B 172 -23.58 6.29 -3.78
C PRO B 172 -22.88 6.81 -2.53
N ILE B 173 -21.53 6.76 -2.47
CA ILE B 173 -20.74 7.23 -1.30
C ILE B 173 -20.79 8.77 -1.18
N ALA B 174 -21.07 9.49 -2.29
CA ALA B 174 -21.18 10.96 -2.26
C ALA B 174 -22.24 11.44 -1.27
N ASN B 175 -23.28 10.63 -1.04
CA ASN B 175 -24.37 11.01 -0.14
CA ASN B 175 -24.37 11.00 -0.14
C ASN B 175 -24.01 10.87 1.34
N LEU B 176 -22.90 10.19 1.64
CA LEU B 176 -22.50 9.94 3.02
C LEU B 176 -21.56 11.03 3.54
N THR B 177 -22.11 12.25 3.67
CA THR B 177 -21.35 13.44 4.00
C THR B 177 -20.88 13.53 5.47
N ASP B 178 -21.35 12.64 6.36
CA ASP B 178 -20.86 12.64 7.74
C ASP B 178 -19.58 11.77 7.86
N LEU B 179 -19.13 11.16 6.74
CA LEU B 179 -17.97 10.27 6.75
C LEU B 179 -16.75 10.99 7.29
N TYR B 180 -16.11 10.37 8.28
CA TYR B 180 -14.90 10.88 8.95
C TYR B 180 -13.67 10.12 8.44
N SER B 181 -13.84 8.82 8.24
CA SER B 181 -12.77 7.94 7.79
C SER B 181 -13.35 6.98 6.72
N LEU B 182 -12.71 6.94 5.55
CA LEU B 182 -13.18 6.12 4.42
C LEU B 182 -12.05 5.32 3.80
N SER B 183 -12.28 4.00 3.61
CA SER B 183 -11.31 3.14 2.94
C SER B 183 -11.91 2.56 1.67
N LEU B 184 -11.21 2.77 0.54
CA LEU B 184 -11.60 2.25 -0.77
C LEU B 184 -10.40 1.57 -1.44
N ASN B 185 -9.52 0.97 -0.63
CA ASN B 185 -8.32 0.30 -1.12
C ASN B 185 -8.61 -0.89 -2.00
N TYR B 186 -7.76 -1.14 -3.00
CA TYR B 186 -7.77 -2.34 -3.83
C TYR B 186 -9.11 -2.61 -4.56
N ASN B 187 -9.72 -1.60 -5.17
CA ASN B 187 -10.97 -1.82 -5.92
C ASN B 187 -10.71 -1.61 -7.43
N GLN B 188 -11.73 -1.18 -8.20
CA GLN B 188 -11.59 -0.94 -9.64
C GLN B 188 -12.01 0.50 -9.97
N ILE B 189 -11.76 1.43 -9.04
CA ILE B 189 -12.21 2.82 -9.11
C ILE B 189 -11.35 3.62 -10.08
N GLU B 190 -12.00 4.21 -11.09
CA GLU B 190 -11.38 5.10 -12.08
C GLU B 190 -11.65 6.56 -11.77
N ASP B 191 -12.86 6.87 -11.24
CA ASP B 191 -13.34 8.24 -11.03
C ASP B 191 -13.87 8.48 -9.59
N ILE B 192 -13.25 9.43 -8.86
CA ILE B 192 -13.69 9.77 -7.49
C ILE B 192 -14.37 11.18 -7.46
N SER B 193 -14.66 11.78 -8.63
CA SER B 193 -15.29 13.12 -8.71
C SER B 193 -16.57 13.26 -7.79
N PRO B 194 -17.47 12.25 -7.61
CA PRO B 194 -18.60 12.46 -6.67
C PRO B 194 -18.19 12.68 -5.21
N LEU B 195 -16.96 12.26 -4.83
CA LEU B 195 -16.49 12.34 -3.45
C LEU B 195 -16.18 13.77 -2.98
N ALA B 196 -16.38 14.77 -3.87
CA ALA B 196 -16.19 16.19 -3.55
C ALA B 196 -17.17 16.65 -2.42
N SER B 197 -18.23 15.88 -2.19
CA SER B 197 -19.23 16.16 -1.16
C SER B 197 -18.79 15.71 0.26
N LEU B 198 -17.67 14.95 0.37
CA LEU B 198 -17.22 14.43 1.68
C LEU B 198 -16.37 15.47 2.43
N THR B 199 -17.03 16.57 2.84
CA THR B 199 -16.39 17.74 3.47
C THR B 199 -15.94 17.48 4.92
N SER B 200 -16.46 16.43 5.56
CA SER B 200 -16.09 16.05 6.93
C SER B 200 -14.96 15.02 6.98
N LEU B 201 -14.51 14.51 5.81
CA LEU B 201 -13.50 13.44 5.77
C LEU B 201 -12.16 13.90 6.30
N HIS B 202 -11.62 13.14 7.26
CA HIS B 202 -10.30 13.45 7.85
C HIS B 202 -9.26 12.39 7.47
N TYR B 203 -9.73 11.18 7.12
CA TYR B 203 -8.89 10.02 6.78
C TYR B 203 -9.43 9.37 5.53
N PHE B 204 -8.60 9.31 4.50
CA PHE B 204 -8.98 8.73 3.23
C PHE B 204 -7.87 7.85 2.70
N THR B 205 -8.21 6.60 2.39
CA THR B 205 -7.27 5.66 1.80
C THR B 205 -7.97 5.02 0.59
N ALA B 206 -7.26 4.99 -0.55
CA ALA B 206 -7.79 4.44 -1.80
C ALA B 206 -6.65 3.98 -2.67
N TYR B 207 -5.63 3.37 -2.05
CA TYR B 207 -4.51 2.91 -2.85
C TYR B 207 -4.91 1.67 -3.67
N VAL B 208 -4.20 1.45 -4.78
CA VAL B 208 -4.37 0.32 -5.71
C VAL B 208 -5.78 0.39 -6.36
N ASN B 209 -5.99 1.42 -7.16
CA ASN B 209 -7.19 1.64 -7.95
C ASN B 209 -6.70 2.12 -9.34
N GLN B 210 -7.56 2.79 -10.11
CA GLN B 210 -7.23 3.30 -11.45
C GLN B 210 -7.56 4.80 -11.51
N ILE B 211 -7.39 5.51 -10.38
CA ILE B 211 -7.73 6.94 -10.22
C ILE B 211 -6.75 7.84 -10.99
N THR B 212 -7.29 8.69 -11.87
CA THR B 212 -6.48 9.62 -12.67
C THR B 212 -6.57 11.06 -12.19
N ASP B 213 -7.62 11.42 -11.43
CA ASP B 213 -7.84 12.82 -11.02
C ASP B 213 -8.23 12.91 -9.55
N ILE B 214 -7.53 13.75 -8.77
CA ILE B 214 -7.84 13.94 -7.34
C ILE B 214 -8.43 15.35 -7.05
N THR B 215 -9.04 16.01 -8.07
CA THR B 215 -9.74 17.30 -7.91
C THR B 215 -10.73 17.26 -6.70
N PRO B 216 -11.59 16.21 -6.52
CA PRO B 216 -12.53 16.23 -5.38
C PRO B 216 -11.88 16.31 -3.99
N VAL B 217 -10.62 15.92 -3.86
CA VAL B 217 -9.90 15.91 -2.58
C VAL B 217 -9.70 17.36 -2.07
N ALA B 218 -9.66 18.38 -2.97
CA ALA B 218 -9.56 19.78 -2.58
C ALA B 218 -10.75 20.20 -1.68
N ASN B 219 -11.90 19.55 -1.82
CA ASN B 219 -13.03 19.91 -0.95
C ASN B 219 -13.03 19.16 0.41
N MSE B 220 -12.11 18.19 0.63
CA MSE B 220 -11.93 17.51 1.92
C MSE B 220 -10.92 18.36 2.72
O MSE B 220 -9.81 17.90 3.01
CB MSE B 220 -11.42 16.08 1.73
CG MSE B 220 -12.31 15.23 0.84
SE MSE B 220 -11.32 13.61 0.35
CE MSE B 220 -12.64 12.73 -0.81
N THR B 221 -11.31 19.61 3.05
CA THR B 221 -10.46 20.65 3.64
C THR B 221 -9.87 20.27 5.01
N ARG B 222 -10.51 19.32 5.71
CA ARG B 222 -10.10 18.87 7.04
C ARG B 222 -9.26 17.61 6.99
N LEU B 223 -8.84 17.18 5.77
CA LEU B 223 -8.06 15.94 5.58
C LEU B 223 -6.73 15.98 6.33
N ASN B 224 -6.51 14.93 7.13
CA ASN B 224 -5.31 14.76 7.96
C ASN B 224 -4.37 13.72 7.32
N SER B 225 -4.94 12.60 6.83
CA SER B 225 -4.15 11.54 6.21
CA SER B 225 -4.16 11.53 6.22
C SER B 225 -4.75 11.11 4.89
N LEU B 226 -3.89 10.97 3.87
CA LEU B 226 -4.28 10.56 2.53
C LEU B 226 -3.29 9.50 2.05
N LYS B 227 -3.81 8.31 1.73
CA LYS B 227 -3.03 7.19 1.20
C LYS B 227 -3.70 6.81 -0.12
N ILE B 228 -3.02 7.12 -1.23
CA ILE B 228 -3.63 6.89 -2.54
C ILE B 228 -2.53 6.49 -3.56
N GLY B 229 -1.59 5.66 -3.10
CA GLY B 229 -0.54 5.11 -3.94
C GLY B 229 -1.10 4.13 -4.94
N ASN B 230 -0.31 3.75 -5.96
CA ASN B 230 -0.72 2.81 -7.02
C ASN B 230 -2.02 3.23 -7.70
N ASN B 231 -2.00 4.39 -8.32
CA ASN B 231 -3.10 4.93 -9.08
C ASN B 231 -2.51 5.53 -10.35
N LYS B 232 -3.22 6.41 -11.05
CA LYS B 232 -2.74 7.05 -12.28
C LYS B 232 -2.79 8.57 -12.14
N ILE B 233 -2.46 9.08 -10.94
CA ILE B 233 -2.49 10.52 -10.64
C ILE B 233 -1.29 11.24 -11.22
N THR B 234 -1.54 12.41 -11.86
CA THR B 234 -0.48 13.24 -12.42
C THR B 234 -0.43 14.59 -11.70
N ASP B 235 -1.58 15.19 -11.41
CA ASP B 235 -1.68 16.53 -10.84
C ASP B 235 -1.99 16.53 -9.33
N LEU B 236 -1.10 17.14 -8.56
CA LEU B 236 -1.21 17.29 -7.10
C LEU B 236 -1.79 18.63 -6.64
N SER B 237 -2.03 19.60 -7.57
CA SER B 237 -2.56 20.93 -7.23
CA SER B 237 -2.57 20.92 -7.24
C SER B 237 -3.81 20.85 -6.31
N PRO B 238 -4.75 19.85 -6.42
CA PRO B 238 -5.88 19.81 -5.47
C PRO B 238 -5.50 19.64 -3.98
N LEU B 239 -4.25 19.27 -3.67
CA LEU B 239 -3.80 19.10 -2.26
C LEU B 239 -3.25 20.39 -1.67
N ALA B 240 -2.98 21.42 -2.51
CA ALA B 240 -2.32 22.66 -2.16
C ALA B 240 -2.86 23.38 -0.92
N ASN B 241 -4.17 23.34 -0.64
CA ASN B 241 -4.72 24.08 0.49
C ASN B 241 -5.16 23.17 1.65
N LEU B 242 -4.78 21.89 1.63
CA LEU B 242 -5.16 20.97 2.71
C LEU B 242 -4.16 21.17 3.87
N SER B 243 -4.33 22.30 4.58
CA SER B 243 -3.44 22.78 5.66
CA SER B 243 -3.44 22.78 5.66
C SER B 243 -3.25 21.77 6.78
N GLN B 244 -4.21 20.87 7.01
CA GLN B 244 -4.11 19.88 8.09
C GLN B 244 -3.46 18.56 7.67
N LEU B 245 -3.02 18.41 6.39
CA LEU B 245 -2.42 17.16 5.94
CA LEU B 245 -2.40 17.17 5.93
C LEU B 245 -1.10 16.90 6.68
N THR B 246 -1.02 15.73 7.35
CA THR B 246 0.13 15.33 8.14
C THR B 246 0.81 14.08 7.54
N TRP B 247 0.01 13.23 6.87
CA TRP B 247 0.48 11.95 6.32
C TRP B 247 0.02 11.86 4.89
N LEU B 248 0.98 11.83 3.95
CA LEU B 248 0.63 11.78 2.53
C LEU B 248 1.42 10.70 1.82
N GLU B 249 0.68 9.69 1.31
CA GLU B 249 1.22 8.57 0.55
C GLU B 249 0.65 8.60 -0.83
N ILE B 250 1.49 8.84 -1.83
CA ILE B 250 1.00 8.94 -3.20
C ILE B 250 2.09 8.39 -4.15
N GLY B 251 2.77 7.34 -3.67
CA GLY B 251 3.78 6.65 -4.45
C GLY B 251 3.16 5.84 -5.56
N THR B 252 3.96 5.40 -6.54
CA THR B 252 3.52 4.57 -7.68
C THR B 252 2.35 5.27 -8.45
N ASN B 253 2.59 6.51 -8.86
CA ASN B 253 1.65 7.29 -9.64
C ASN B 253 2.37 7.84 -10.88
N GLN B 254 1.85 8.91 -11.51
CA GLN B 254 2.47 9.51 -12.69
C GLN B 254 2.72 11.00 -12.44
N ILE B 255 3.19 11.34 -11.22
CA ILE B 255 3.47 12.71 -10.80
C ILE B 255 4.86 13.13 -11.26
N SER B 256 4.98 14.33 -11.85
CA SER B 256 6.28 14.86 -12.25
C SER B 256 6.55 16.20 -11.57
N ASP B 257 5.55 16.76 -10.88
CA ASP B 257 5.61 18.06 -10.22
C ASP B 257 5.01 17.98 -8.82
N ILE B 258 5.76 18.42 -7.79
CA ILE B 258 5.28 18.42 -6.41
C ILE B 258 5.21 19.85 -5.81
N ASN B 259 5.19 20.91 -6.65
CA ASN B 259 5.11 22.30 -6.16
C ASN B 259 3.91 22.51 -5.20
N ALA B 260 2.81 21.75 -5.41
CA ALA B 260 1.58 21.81 -4.60
C ALA B 260 1.77 21.51 -3.09
N VAL B 261 2.89 20.89 -2.70
CA VAL B 261 3.09 20.55 -1.26
C VAL B 261 3.74 21.71 -0.47
N LYS B 262 4.07 22.82 -1.16
CA LYS B 262 4.78 23.99 -0.62
C LYS B 262 4.24 24.49 0.74
N ASP B 263 2.92 24.60 0.90
CA ASP B 263 2.34 25.14 2.11
C ASP B 263 1.81 24.09 3.08
N LEU B 264 2.09 22.79 2.82
CA LEU B 264 1.62 21.73 3.70
C LEU B 264 2.65 21.57 4.83
N THR B 265 2.71 22.59 5.70
CA THR B 265 3.70 22.69 6.77
C THR B 265 3.43 21.76 7.97
N LYS B 266 2.32 20.99 7.97
CA LYS B 266 2.09 20.02 9.05
C LYS B 266 2.54 18.61 8.63
N LEU B 267 2.90 18.42 7.33
CA LEU B 267 3.35 17.14 6.81
C LEU B 267 4.56 16.59 7.59
N LYS B 268 4.40 15.41 8.15
CA LYS B 268 5.47 14.72 8.85
C LYS B 268 5.95 13.53 8.00
N MSE B 269 5.05 13.00 7.15
CA MSE B 269 5.35 11.85 6.32
C MSE B 269 4.93 12.09 4.87
O MSE B 269 3.76 12.38 4.59
CB MSE B 269 4.65 10.61 6.94
CG MSE B 269 4.19 9.58 5.94
SE MSE B 269 5.57 8.72 4.91
CE MSE B 269 4.39 8.20 3.69
N LEU B 270 5.91 12.02 3.93
CA LEU B 270 5.69 12.24 2.51
C LEU B 270 6.24 11.10 1.70
N ASN B 271 5.34 10.33 1.07
CA ASN B 271 5.78 9.22 0.22
C ASN B 271 5.38 9.52 -1.22
N VAL B 272 6.37 9.85 -2.06
CA VAL B 272 6.20 10.10 -3.49
C VAL B 272 7.16 9.20 -4.30
N GLY B 273 7.50 8.03 -3.75
CA GLY B 273 8.35 7.04 -4.41
C GLY B 273 7.68 6.51 -5.66
N SER B 274 8.46 6.13 -6.69
CA SER B 274 7.94 5.58 -7.95
C SER B 274 7.03 6.58 -8.70
N ASN B 275 7.59 7.74 -9.00
CA ASN B 275 6.94 8.78 -9.77
C ASN B 275 7.95 9.28 -10.82
N GLN B 276 7.76 10.49 -11.35
CA GLN B 276 8.63 11.04 -12.38
C GLN B 276 9.13 12.43 -11.95
N ILE B 277 9.40 12.60 -10.64
CA ILE B 277 9.83 13.88 -10.07
C ILE B 277 11.31 14.16 -10.35
N SER B 278 11.62 15.36 -10.89
CA SER B 278 13.00 15.76 -11.14
C SER B 278 13.37 17.01 -10.34
N ASP B 279 12.41 17.65 -9.67
CA ASP B 279 12.67 18.84 -8.87
C ASP B 279 11.98 18.75 -7.52
N ILE B 280 12.72 19.03 -6.44
CA ILE B 280 12.20 18.97 -5.07
C ILE B 280 12.56 20.24 -4.28
N SER B 281 12.82 21.38 -4.97
CA SER B 281 13.18 22.65 -4.31
C SER B 281 12.11 23.10 -3.30
N VAL B 282 10.83 22.73 -3.54
CA VAL B 282 9.71 23.10 -2.64
C VAL B 282 9.87 22.47 -1.24
N LEU B 283 10.66 21.37 -1.11
CA LEU B 283 10.84 20.69 0.19
C LEU B 283 11.58 21.57 1.20
N ASN B 284 12.21 22.69 0.73
CA ASN B 284 12.89 23.71 1.56
C ASN B 284 11.93 24.30 2.61
N ASN B 285 10.62 24.28 2.32
CA ASN B 285 9.57 24.82 3.20
C ASN B 285 9.04 23.75 4.18
N LEU B 286 9.33 22.46 3.94
CA LEU B 286 8.79 21.39 4.81
C LEU B 286 9.86 20.84 5.77
N SER B 287 10.49 21.75 6.53
CA SER B 287 11.56 21.45 7.51
C SER B 287 11.08 20.54 8.65
N GLN B 288 9.77 20.40 8.85
CA GLN B 288 9.18 19.58 9.90
C GLN B 288 9.10 18.08 9.52
N LEU B 289 9.40 17.73 8.26
CA LEU B 289 9.33 16.34 7.76
C LEU B 289 10.21 15.36 8.54
N ASN B 290 9.64 14.18 8.88
CA ASN B 290 10.34 13.10 9.57
C ASN B 290 10.60 11.91 8.64
N SER B 291 9.68 11.66 7.71
CA SER B 291 9.81 10.53 6.78
C SER B 291 9.59 10.99 5.37
N LEU B 292 10.56 10.71 4.49
CA LEU B 292 10.50 11.13 3.10
C LEU B 292 10.89 9.98 2.17
N PHE B 293 9.99 9.62 1.25
CA PHE B 293 10.26 8.55 0.27
C PHE B 293 10.31 9.15 -1.11
N LEU B 294 11.52 9.20 -1.70
CA LEU B 294 11.79 9.77 -3.01
C LEU B 294 12.48 8.78 -3.96
N ASN B 295 12.55 7.49 -3.58
CA ASN B 295 13.13 6.41 -4.40
C ASN B 295 12.39 6.31 -5.73
N ASN B 296 13.06 5.82 -6.78
CA ASN B 296 12.47 5.59 -8.12
C ASN B 296 11.82 6.85 -8.70
N ASN B 297 12.60 7.92 -8.75
CA ASN B 297 12.21 9.20 -9.33
C ASN B 297 13.31 9.58 -10.31
N GLN B 298 13.44 10.86 -10.67
CA GLN B 298 14.43 11.30 -11.63
C GLN B 298 15.33 12.38 -11.02
N LEU B 299 15.72 12.19 -9.74
CA LEU B 299 16.58 13.14 -9.02
C LEU B 299 18.06 12.93 -9.34
N GLY B 300 18.80 14.04 -9.35
CA GLY B 300 20.24 14.10 -9.60
C GLY B 300 20.98 14.70 -8.42
N ASN B 301 22.31 14.91 -8.59
CA ASN B 301 23.20 15.46 -7.56
C ASN B 301 22.81 16.86 -7.10
N GLU B 302 22.30 17.67 -8.02
CA GLU B 302 21.87 19.05 -7.77
C GLU B 302 20.67 19.13 -6.81
N ASP B 303 19.95 18.01 -6.61
CA ASP B 303 18.76 17.95 -5.75
C ASP B 303 19.05 17.52 -4.34
N MSE B 304 20.30 17.17 -4.04
CA MSE B 304 20.67 16.64 -2.72
C MSE B 304 20.82 17.74 -1.66
O MSE B 304 20.51 17.47 -0.49
CB MSE B 304 21.94 15.80 -2.82
CG MSE B 304 21.76 14.55 -3.70
SE MSE B 304 20.35 13.37 -3.08
CE MSE B 304 18.86 13.93 -4.25
N GLU B 305 21.25 18.96 -2.06
CA GLU B 305 21.45 20.09 -1.16
C GLU B 305 20.18 20.41 -0.34
N VAL B 306 18.99 20.39 -0.99
CA VAL B 306 17.72 20.68 -0.33
C VAL B 306 17.42 19.56 0.71
N ILE B 307 17.69 18.28 0.41
CA ILE B 307 17.41 17.19 1.36
C ILE B 307 18.32 17.33 2.58
N GLY B 308 19.55 17.84 2.38
CA GLY B 308 20.53 18.11 3.43
C GLY B 308 20.06 19.08 4.50
N GLY B 309 19.11 19.94 4.14
CA GLY B 309 18.51 20.92 5.02
C GLY B 309 17.38 20.39 5.89
N LEU B 310 16.79 19.24 5.52
CA LEU B 310 15.68 18.60 6.25
C LEU B 310 16.23 17.77 7.43
N THR B 311 16.73 18.48 8.44
CA THR B 311 17.42 17.94 9.60
C THR B 311 16.54 17.12 10.57
N ASN B 312 15.19 17.13 10.45
CA ASN B 312 14.35 16.32 11.33
C ASN B 312 14.03 14.96 10.70
N LEU B 313 14.59 14.65 9.52
CA LEU B 313 14.36 13.36 8.85
C LEU B 313 14.98 12.20 9.64
N THR B 314 14.20 11.13 9.84
CA THR B 314 14.64 9.89 10.51
C THR B 314 14.52 8.74 9.51
N THR B 315 13.69 8.92 8.46
CA THR B 315 13.55 7.96 7.37
C THR B 315 13.74 8.69 6.04
N LEU B 316 14.63 8.16 5.18
CA LEU B 316 14.88 8.76 3.87
C LEU B 316 15.15 7.70 2.83
N PHE B 317 14.26 7.59 1.84
CA PHE B 317 14.45 6.66 0.73
C PHE B 317 14.81 7.44 -0.54
N LEU B 318 15.92 7.06 -1.17
CA LEU B 318 16.41 7.74 -2.38
C LEU B 318 16.95 6.79 -3.44
N SER B 319 16.86 5.46 -3.22
CA SER B 319 17.44 4.52 -4.20
C SER B 319 16.80 4.64 -5.59
N GLN B 320 17.57 4.30 -6.63
CA GLN B 320 17.18 4.23 -8.03
C GLN B 320 16.63 5.57 -8.59
N ASN B 321 17.42 6.62 -8.38
CA ASN B 321 17.30 7.93 -8.99
C ASN B 321 18.50 8.01 -9.96
N HIS B 322 19.01 9.20 -10.26
CA HIS B 322 20.18 9.38 -11.13
C HIS B 322 21.32 10.06 -10.33
N ILE B 323 21.37 9.82 -9.00
CA ILE B 323 22.34 10.42 -8.07
C ILE B 323 23.67 9.68 -8.19
N THR B 324 24.78 10.44 -8.37
CA THR B 324 26.11 9.84 -8.47
C THR B 324 27.07 10.38 -7.35
N ASP B 325 26.49 10.90 -6.21
CA ASP B 325 27.15 11.35 -4.96
C ASP B 325 26.13 12.03 -4.00
N ILE B 326 26.09 11.51 -2.75
CA ILE B 326 25.20 11.85 -1.61
C ILE B 326 25.93 12.73 -0.57
N ARG B 327 27.08 13.35 -0.93
CA ARG B 327 27.87 14.19 -0.03
C ARG B 327 27.01 15.32 0.63
N PRO B 328 26.07 16.02 -0.05
CA PRO B 328 25.27 17.04 0.66
C PRO B 328 24.36 16.48 1.78
N LEU B 329 24.18 15.13 1.85
CA LEU B 329 23.35 14.49 2.89
C LEU B 329 24.14 14.19 4.17
N ALA B 330 25.46 14.50 4.19
CA ALA B 330 26.34 14.30 5.36
C ALA B 330 25.86 15.15 6.56
N SER B 331 25.15 16.26 6.27
CA SER B 331 24.57 17.20 7.24
C SER B 331 23.52 16.52 8.10
N LEU B 332 22.76 15.62 7.48
CA LEU B 332 21.70 14.84 8.12
C LEU B 332 22.32 13.76 9.00
N SER B 333 21.61 13.42 10.09
CA SER B 333 21.99 12.41 11.07
C SER B 333 22.05 10.99 10.45
N LYS B 334 22.40 10.00 11.28
CA LYS B 334 22.32 8.61 10.89
C LYS B 334 20.82 8.31 10.88
N MSE B 335 20.29 7.92 9.72
CA MSE B 335 18.88 7.64 9.55
C MSE B 335 18.46 6.36 10.28
O MSE B 335 19.23 5.40 10.31
CB MSE B 335 18.55 7.49 8.06
CG MSE B 335 18.71 8.77 7.27
SE MSE B 335 17.41 10.10 7.82
CE MSE B 335 18.55 11.61 7.70
N ASP B 336 17.25 6.33 10.83
CA ASP B 336 16.73 5.09 11.42
C ASP B 336 16.48 4.07 10.29
N SER B 337 16.06 4.59 9.13
CA SER B 337 15.78 3.83 7.92
CA SER B 337 15.79 3.82 7.92
C SER B 337 16.23 4.61 6.69
N ALA B 338 17.03 3.97 5.81
CA ALA B 338 17.54 4.59 4.58
C ALA B 338 17.89 3.50 3.59
N ASP B 339 17.16 3.49 2.46
CA ASP B 339 17.27 2.43 1.45
C ASP B 339 18.56 2.44 0.59
N PHE B 340 19.60 3.17 1.01
CA PHE B 340 20.88 3.18 0.30
C PHE B 340 22.00 2.83 1.30
N ALA B 341 22.89 1.89 0.90
CA ALA B 341 23.98 1.31 1.71
C ALA B 341 24.94 2.35 2.29
C1 EDO C . 14.05 -1.59 -4.79
O1 EDO C . 13.09 -0.73 -4.20
C2 EDO C . 15.21 -0.73 -5.34
O2 EDO C . 15.83 -0.10 -4.24
C1 EDO D . 29.76 15.74 -21.80
O1 EDO D . 28.42 15.53 -22.23
C2 EDO D . 29.79 16.11 -20.31
O2 EDO D . 31.13 16.28 -19.94
C1 EDO E . -3.14 -10.29 -7.35
O1 EDO E . -2.90 -10.27 -8.75
C2 EDO E . -1.78 -10.30 -6.60
O2 EDO E . -1.05 -11.45 -6.98
C1 EDO F . 7.20 6.48 11.30
O1 EDO F . 6.99 7.77 10.72
C2 EDO F . 8.70 6.22 11.55
O2 EDO F . 9.22 7.10 12.53
C1 EDO G . -11.35 3.40 18.06
O1 EDO G . -11.83 2.25 17.38
C2 EDO G . -12.55 4.13 18.68
O2 EDO G . -13.50 4.33 17.64
C1 EDO H . -5.02 -1.70 5.81
O1 EDO H . -5.92 -1.42 6.88
C2 EDO H . -3.57 -1.63 6.34
O2 EDO H . -3.44 -0.48 7.14
C1 EDO I . -12.91 3.02 8.30
O1 EDO I . -12.37 3.80 9.35
C2 EDO I . -12.04 3.32 7.06
O2 EDO I . -10.67 3.12 7.38
C1 EDO J . -25.26 12.21 13.34
O1 EDO J . -25.67 13.46 12.80
C2 EDO J . -24.21 11.53 12.42
O2 EDO J . -22.94 12.16 12.51
C1 EDO K . -24.64 -28.55 13.16
O1 EDO K . -24.12 -29.06 14.38
C2 EDO K . -23.79 -27.36 12.70
O2 EDO K . -23.60 -26.47 13.78
C1 EDO L . -25.99 -6.58 -8.92
O1 EDO L . -26.30 -6.26 -7.56
C2 EDO L . -24.65 -5.91 -9.31
O2 EDO L . -23.64 -6.33 -8.43
C1 EDO M . -8.59 21.45 -8.14
O1 EDO M . -8.16 22.18 -7.00
C2 EDO M . -7.50 21.48 -9.25
O2 EDO M . -7.82 20.56 -10.28
C1 EDO N . -38.67 -2.91 5.89
O1 EDO N . -38.82 -1.50 5.76
C2 EDO N . -37.33 -3.37 5.27
O2 EDO N . -36.26 -2.72 5.93
C1 EDO O . -11.07 -5.91 7.18
O1 EDO O . -11.58 -5.33 8.35
C2 EDO O . -11.37 -5.02 5.98
O2 EDO O . -10.93 -5.75 4.85
#